data_7W2W
#
_entry.id   7W2W
#
_cell.length_a   177.285
_cell.length_b   54.463
_cell.length_c   83.074
_cell.angle_alpha   90.000
_cell.angle_beta   90.000
_cell.angle_gamma   90.000
#
_symmetry.space_group_name_H-M   'P 21 21 2'
#
loop_
_entity.id
_entity.type
_entity.pdbx_description
1 polymer Glucosylceramidase
2 non-polymer alpha-D-glucopyranose
3 non-polymer beta-D-glucopyranose
4 non-polymer GLYCEROL
5 non-polymer 'SULFATE ION'
6 non-polymer 1,2-ETHANEDIOL
7 non-polymer 'CALCIUM ION'
8 water water
#
_entity_poly.entity_id   1
_entity_poly.type   'polypeptide(L)'
_entity_poly.pdbx_seq_one_letter_code
;MHHHHHHSSGLVPRGSGMKETAAAKFERQHMDSPDLGTDDDDKAMALTGCSEKININEDKISHKIDIPDSAWTIGIGEKF
KNAGHPNVKYPMIDDSYVQGAPLGGFGAGTIGRTYNGGFSRWHLEIGKNKYTTVYANQFSVFQKVEGNKDGVAQVLYAGE
PENGYLSSWKWDYPKESGMYYALYPNSWYTYTNKDLPVQLAVKQFSPIIPYNYKETSYPVAVFKWTAYNPTNKNVDVSIM
FTWQNMIGFFGKQVNVNSGNFNKIIKDKSKDSEIVAAVMGNISNDNEEWNGEYSIGVKKVPGVDISYKAKFVTTGDGSDL
WHEFSKNGILDNKDDETPTKQDGIGSAIAVNFKLQPGQTIEVPFALSWDLPIMKFGGGDKWYKMYTKYFGKNGKNSFAIL
KEALNNYQKWEKMIDDWQKPILSNKSKPDWYKTALFNELYYLADGGTAWENGKVGEKDKRTNNMFGLLECFDYNYYETLD
VRFYGSFPLVMLWPDIEKQVMRQFADTINVQDSSEFKVGSNGAMAVKKVQGMIPHDLGSSYALPWIKINAYDWQNPNIWK
DLNSKYVLLVYRDYVLTGKTDKEFLKYTWKSVKTALDKLKEMDKDNDGIPDNEGIPDQTYDTWSMKGTSAYCGSLWLAAL
KAAQEIGKVLKDNEAYIKYNEWYKIAQQNFEKELWNGEYYNFDTESDHKDSIMADQLAGQWYADILRLGDILPKDHVQKA
LKKIYEFNVMKFENGKMGAVNGMRPDGIVDESDIQAQEVWTGVTYALASFMKYRGMTEEAYNTAYGVYKMTYDKSGKGYW
FRTPEAWTKDGNYKASMYMRPLSIWSMEVNYNEVLEHHHHHH
;
_entity_poly.pdbx_strand_id   A
#
# COMPACT_ATOMS: atom_id res chain seq x y z
N ASP A 59 -18.53 -1.62 -27.17
CA ASP A 59 -18.47 -2.22 -25.79
C ASP A 59 -19.84 -2.68 -25.28
N LYS A 60 -20.14 -3.97 -25.43
CA LYS A 60 -21.40 -4.59 -24.95
C LYS A 60 -21.27 -5.42 -23.67
N ILE A 61 -20.05 -5.54 -23.13
CA ILE A 61 -19.77 -6.43 -21.99
C ILE A 61 -19.92 -5.66 -20.69
N SER A 62 -19.54 -4.38 -20.68
CA SER A 62 -19.61 -3.51 -19.48
C SER A 62 -20.97 -3.54 -18.78
N HIS A 63 -22.05 -3.63 -19.54
CA HIS A 63 -23.41 -3.79 -18.97
C HIS A 63 -23.67 -5.14 -18.27
N LYS A 64 -22.90 -6.19 -18.60
CA LYS A 64 -23.08 -7.53 -18.00
C LYS A 64 -22.30 -7.74 -16.68
N ILE A 65 -21.62 -6.69 -16.18
CA ILE A 65 -20.74 -6.80 -14.99
C ILE A 65 -20.95 -5.51 -14.21
N ASP A 66 -20.44 -5.41 -13.00
CA ASP A 66 -20.88 -4.25 -12.21
C ASP A 66 -19.69 -3.43 -11.75
N ILE A 67 -19.19 -2.59 -12.66
CA ILE A 67 -18.00 -1.79 -12.34
C ILE A 67 -18.46 -0.46 -11.79
N PRO A 68 -18.01 -0.08 -10.60
CA PRO A 68 -18.41 1.25 -10.09
C PRO A 68 -17.93 2.40 -10.94
N ASP A 69 -18.73 3.48 -10.98
CA ASP A 69 -18.33 4.68 -11.70
C ASP A 69 -17.08 5.34 -11.13
N SER A 70 -16.80 5.11 -9.85
CA SER A 70 -15.60 5.68 -9.24
C SER A 70 -14.31 4.87 -9.53
N ALA A 71 -14.42 3.78 -10.27
CA ALA A 71 -13.21 3.03 -10.62
C ALA A 71 -12.28 3.89 -11.45
N TRP A 72 -11.00 3.84 -11.12
CA TRP A 72 -9.95 4.44 -11.94
C TRP A 72 -9.90 3.67 -13.26
N THR A 73 -9.75 4.36 -14.38
CA THR A 73 -9.76 3.67 -15.70
C THR A 73 -8.62 4.10 -16.61
N ILE A 74 -8.19 3.17 -17.44
CA ILE A 74 -7.19 3.46 -18.45
C ILE A 74 -7.36 2.45 -19.58
N GLY A 75 -7.01 2.87 -20.80
CA GLY A 75 -7.04 1.95 -21.94
C GLY A 75 -5.96 0.87 -21.80
N ILE A 76 -6.31 -0.39 -22.11
CA ILE A 76 -5.30 -1.45 -22.23
C ILE A 76 -4.37 -1.07 -23.38
N GLY A 77 -3.08 -1.04 -23.09
CA GLY A 77 -2.06 -0.62 -24.03
C GLY A 77 -1.88 0.90 -24.19
N GLU A 78 -2.57 1.69 -23.38
CA GLU A 78 -2.46 3.14 -23.49
C GLU A 78 -1.06 3.57 -23.15
N LYS A 79 -0.55 4.52 -23.92
CA LYS A 79 0.69 5.18 -23.59
C LYS A 79 0.30 6.40 -22.81
N PHE A 80 1.12 6.73 -21.84
CA PHE A 80 0.95 7.93 -21.07
C PHE A 80 2.11 8.83 -21.39
N LYS A 81 1.86 10.09 -21.72
CA LYS A 81 2.90 10.98 -22.22
C LYS A 81 3.52 11.86 -21.13
N ASN A 82 2.77 12.21 -20.10
CA ASN A 82 3.33 13.22 -19.22
C ASN A 82 4.12 12.71 -18.00
N ALA A 83 4.65 11.48 -18.00
CA ALA A 83 4.98 10.84 -16.74
C ALA A 83 6.14 11.53 -15.99
N GLY A 84 6.01 11.60 -14.68
CA GLY A 84 7.08 12.18 -13.85
C GLY A 84 8.15 11.16 -13.56
N HIS A 85 9.32 11.66 -13.18
CA HIS A 85 10.48 10.85 -12.86
C HIS A 85 11.12 11.47 -11.62
N PRO A 86 11.98 10.71 -10.92
N PRO A 86 12.00 10.72 -10.92
CA PRO A 86 12.80 11.38 -9.93
CA PRO A 86 12.61 11.23 -9.69
C PRO A 86 13.89 12.17 -10.66
C PRO A 86 13.35 12.57 -9.80
N ASN A 87 14.19 13.36 -10.15
N ASN A 87 13.03 13.50 -8.89
CA ASN A 87 15.30 14.16 -10.66
CA ASN A 87 13.75 14.74 -8.74
C ASN A 87 16.25 14.21 -9.49
C ASN A 87 15.23 14.45 -8.40
N VAL A 88 17.17 13.25 -9.48
N VAL A 88 15.40 13.95 -7.19
CA VAL A 88 17.91 12.90 -8.28
CA VAL A 88 16.64 13.32 -6.68
C VAL A 88 19.35 12.55 -8.63
C VAL A 88 17.94 13.32 -7.53
N LYS A 89 20.25 12.76 -7.68
N LYS A 89 19.08 13.01 -6.86
CA LYS A 89 21.68 12.39 -7.80
CA LYS A 89 20.43 12.90 -7.48
C LYS A 89 21.89 10.89 -7.66
C LYS A 89 20.95 11.47 -7.49
N TYR A 90 21.33 10.33 -6.60
N TYR A 90 20.72 10.78 -6.38
CA TYR A 90 21.46 8.91 -6.35
CA TYR A 90 21.12 9.39 -6.28
C TYR A 90 20.23 8.20 -6.88
C TYR A 90 19.99 8.52 -6.79
N PRO A 91 20.39 6.91 -7.27
N PRO A 91 20.29 7.25 -7.10
CA PRO A 91 19.30 6.12 -7.78
CA PRO A 91 19.33 6.33 -7.68
C PRO A 91 18.06 6.17 -6.87
C PRO A 91 18.06 6.26 -6.85
N MET A 92 16.91 6.25 -7.51
CA MET A 92 15.63 6.17 -6.84
C MET A 92 14.73 5.32 -7.72
N ILE A 93 13.90 4.49 -7.09
CA ILE A 93 13.02 3.62 -7.83
C ILE A 93 12.11 4.40 -8.80
N ASP A 94 12.11 3.97 -10.05
CA ASP A 94 11.14 4.44 -11.04
C ASP A 94 10.79 3.25 -11.92
N ASP A 95 9.69 2.60 -11.56
CA ASP A 95 9.22 1.43 -12.29
C ASP A 95 8.26 1.74 -13.45
N SER A 96 8.13 3.02 -13.81
CA SER A 96 7.23 3.47 -14.87
C SER A 96 5.80 3.55 -14.42
N TYR A 97 4.99 4.13 -15.29
CA TYR A 97 3.54 4.23 -15.11
C TYR A 97 2.74 2.95 -15.42
N VAL A 98 3.39 1.87 -15.88
CA VAL A 98 2.67 0.63 -16.19
C VAL A 98 2.54 -0.16 -14.90
N GLN A 99 1.47 0.11 -14.19
CA GLN A 99 1.20 -0.47 -12.87
C GLN A 99 -0.27 -0.88 -12.80
N GLY A 100 -0.64 -1.53 -11.71
CA GLY A 100 -2.04 -1.83 -11.42
C GLY A 100 -2.25 -2.11 -9.95
N ALA A 101 -3.50 -2.40 -9.62
CA ALA A 101 -3.89 -2.74 -8.26
C ALA A 101 -3.23 -4.07 -7.90
N PRO A 102 -2.66 -4.19 -6.71
CA PRO A 102 -2.03 -5.45 -6.34
C PRO A 102 -2.97 -6.56 -5.90
N LEU A 103 -2.47 -7.77 -6.05
CA LEU A 103 -3.12 -8.98 -5.57
C LEU A 103 -2.34 -9.53 -4.41
N GLY A 104 -3.05 -10.11 -3.44
CA GLY A 104 -2.41 -10.70 -2.27
C GLY A 104 -2.79 -10.01 -0.99
N GLY A 105 -2.88 -10.81 0.05
CA GLY A 105 -3.22 -10.29 1.36
C GLY A 105 -2.10 -9.69 2.15
N PHE A 106 -2.48 -9.17 3.31
CA PHE A 106 -1.54 -8.56 4.25
C PHE A 106 -0.52 -9.59 4.76
N GLY A 107 0.75 -9.29 4.56
CA GLY A 107 1.83 -10.18 5.00
C GLY A 107 2.06 -11.40 4.11
N ALA A 108 1.35 -11.47 2.99
CA ALA A 108 1.38 -12.65 2.13
C ALA A 108 2.43 -12.56 1.03
N GLY A 109 2.97 -11.36 0.81
CA GLY A 109 3.67 -11.05 -0.44
C GLY A 109 2.61 -10.69 -1.46
N THR A 110 2.84 -9.67 -2.25
CA THR A 110 1.88 -9.19 -3.21
C THR A 110 2.47 -9.23 -4.61
N ILE A 111 1.55 -9.27 -5.58
CA ILE A 111 1.84 -9.36 -6.99
C ILE A 111 1.08 -8.25 -7.68
N GLY A 112 1.82 -7.29 -8.27
CA GLY A 112 1.27 -6.24 -9.09
C GLY A 112 1.04 -6.67 -10.53
N ARG A 113 -0.23 -6.84 -10.91
CA ARG A 113 -0.64 -7.07 -12.27
C ARG A 113 -1.04 -5.74 -12.88
N THR A 114 -0.39 -5.36 -13.97
CA THR A 114 -0.50 -4.01 -14.51
C THR A 114 -1.73 -3.88 -15.41
N TYR A 115 -2.09 -2.63 -15.74
CA TYR A 115 -3.20 -2.39 -16.65
C TYR A 115 -2.98 -2.97 -18.07
N ASN A 116 -1.73 -3.29 -18.43
CA ASN A 116 -1.47 -3.96 -19.67
C ASN A 116 -1.62 -5.49 -19.60
N GLY A 117 -1.82 -6.03 -18.40
CA GLY A 117 -2.11 -7.44 -18.16
C GLY A 117 -0.96 -8.27 -17.63
N GLY A 118 0.27 -7.73 -17.65
CA GLY A 118 1.42 -8.45 -17.14
C GLY A 118 1.50 -8.54 -15.62
N PHE A 119 2.02 -9.67 -15.14
CA PHE A 119 2.35 -9.82 -13.74
C PHE A 119 3.79 -9.33 -13.60
N SER A 120 3.93 -8.13 -13.06
CA SER A 120 5.16 -7.34 -13.24
C SER A 120 5.78 -6.77 -11.97
N ARG A 121 4.99 -6.38 -10.98
CA ARG A 121 5.60 -5.79 -9.79
C ARG A 121 5.57 -6.80 -8.66
N TRP A 122 6.70 -7.44 -8.41
CA TRP A 122 6.78 -8.57 -7.47
C TRP A 122 7.24 -8.10 -6.10
N HIS A 123 6.36 -8.24 -5.13
CA HIS A 123 6.64 -8.00 -3.74
C HIS A 123 6.54 -9.31 -2.94
N LEU A 124 6.89 -10.43 -3.57
CA LEU A 124 6.81 -11.75 -2.89
C LEU A 124 7.91 -11.98 -1.89
N GLU A 125 9.06 -11.38 -2.13
CA GLU A 125 10.14 -11.32 -1.15
C GLU A 125 9.83 -10.10 -0.27
N ILE A 126 9.45 -10.38 0.96
CA ILE A 126 8.86 -9.35 1.84
C ILE A 126 9.86 -8.25 2.09
N GLY A 127 9.47 -7.04 1.76
CA GLY A 127 10.32 -5.87 1.87
C GLY A 127 11.04 -5.41 0.63
N LYS A 128 10.99 -6.21 -0.43
CA LYS A 128 11.65 -5.90 -1.69
C LYS A 128 10.65 -5.60 -2.80
N ASN A 129 11.06 -4.71 -3.69
CA ASN A 129 10.29 -4.36 -4.89
C ASN A 129 11.10 -4.80 -6.12
N LYS A 130 10.56 -5.74 -6.88
CA LYS A 130 11.22 -6.27 -8.07
C LYS A 130 10.26 -6.13 -9.24
N TYR A 131 10.58 -5.23 -10.17
CA TYR A 131 9.69 -4.97 -11.30
C TYR A 131 10.30 -5.66 -12.51
N THR A 132 9.64 -6.72 -12.93
CA THR A 132 10.00 -7.49 -14.14
C THR A 132 8.79 -8.35 -14.53
N THR A 133 8.43 -8.32 -15.81
CA THR A 133 7.27 -9.05 -16.29
C THR A 133 7.70 -10.50 -16.50
N VAL A 134 6.98 -11.41 -15.87
CA VAL A 134 7.22 -12.85 -16.05
C VAL A 134 6.26 -13.18 -17.17
N TYR A 135 6.80 -13.28 -18.38
CA TYR A 135 5.98 -13.34 -19.58
C TYR A 135 5.11 -14.56 -19.69
N ALA A 136 5.53 -15.69 -19.11
CA ALA A 136 4.65 -16.90 -19.11
C ALA A 136 3.35 -16.75 -18.33
N ASN A 137 3.25 -15.78 -17.43
CA ASN A 137 2.08 -15.62 -16.56
C ASN A 137 1.03 -14.78 -17.26
N GLN A 138 -0.03 -15.38 -17.79
CA GLN A 138 -0.98 -14.66 -18.67
C GLN A 138 -2.33 -15.32 -18.68
N PHE A 139 -3.32 -14.57 -19.11
CA PHE A 139 -4.54 -15.14 -19.63
C PHE A 139 -4.51 -14.96 -21.14
N SER A 140 -4.95 -16.00 -21.83
CA SER A 140 -5.03 -16.00 -23.30
C SER A 140 -6.42 -16.45 -23.72
N VAL A 141 -6.83 -16.07 -24.92
CA VAL A 141 -8.18 -16.39 -25.45
C VAL A 141 -8.04 -17.02 -26.84
N PHE A 142 -8.89 -18.00 -27.10
CA PHE A 142 -9.13 -18.57 -28.41
C PHE A 142 -10.61 -18.38 -28.77
N GLN A 143 -10.88 -17.97 -30.01
CA GLN A 143 -12.27 -17.85 -30.47
C GLN A 143 -12.41 -18.40 -31.89
N LYS A 144 -13.46 -19.15 -32.13
CA LYS A 144 -13.77 -19.64 -33.49
C LYS A 144 -15.25 -19.52 -33.72
N VAL A 145 -15.62 -18.83 -34.79
CA VAL A 145 -17.04 -18.72 -35.17
C VAL A 145 -17.45 -20.06 -35.77
N GLU A 146 -18.55 -20.64 -35.31
CA GLU A 146 -18.88 -22.02 -35.70
C GLU A 146 -19.01 -22.11 -37.22
N GLY A 147 -18.55 -23.23 -37.78
CA GLY A 147 -18.39 -23.37 -39.22
C GLY A 147 -17.46 -22.36 -39.87
N ASN A 148 -16.31 -22.10 -39.24
CA ASN A 148 -15.16 -21.50 -39.91
C ASN A 148 -14.08 -22.51 -39.85
N LYS A 149 -13.14 -22.42 -40.79
CA LYS A 149 -11.99 -23.32 -40.86
C LYS A 149 -11.08 -23.12 -39.64
N ASP A 150 -10.73 -21.87 -39.39
CA ASP A 150 -9.79 -21.53 -38.33
C ASP A 150 -10.37 -20.55 -37.30
N GLY A 151 -9.84 -20.65 -36.08
CA GLY A 151 -10.10 -19.69 -35.03
C GLY A 151 -8.88 -18.80 -34.84
N VAL A 152 -8.94 -17.93 -33.83
CA VAL A 152 -7.85 -17.01 -33.53
C VAL A 152 -7.50 -17.15 -32.04
N ALA A 153 -6.22 -17.03 -31.72
CA ALA A 153 -5.72 -17.11 -30.35
C ALA A 153 -4.91 -15.85 -30.09
N GLN A 154 -5.01 -15.30 -28.87
CA GLN A 154 -4.38 -14.02 -28.54
C GLN A 154 -4.03 -14.04 -27.04
N VAL A 155 -2.79 -13.72 -26.71
CA VAL A 155 -2.42 -13.50 -25.31
C VAL A 155 -3.02 -12.16 -24.92
N LEU A 156 -3.66 -12.09 -23.74
CA LEU A 156 -4.22 -10.83 -23.26
C LEU A 156 -3.16 -9.99 -22.52
N TYR A 157 -2.18 -9.55 -23.28
CA TYR A 157 -1.08 -8.76 -22.80
C TYR A 157 -0.70 -7.75 -23.89
N ALA A 158 -0.72 -6.46 -23.54
CA ALA A 158 -0.37 -5.39 -24.50
C ALA A 158 1.13 -5.18 -24.49
N GLY A 159 1.83 -6.15 -25.05
CA GLY A 159 3.28 -6.14 -25.09
C GLY A 159 3.81 -7.47 -25.60
N GLU A 160 5.12 -7.61 -25.60
CA GLU A 160 5.78 -8.86 -26.00
C GLU A 160 7.08 -9.07 -25.22
N PRO A 161 7.59 -10.33 -25.15
CA PRO A 161 8.86 -10.57 -24.49
C PRO A 161 10.01 -9.84 -25.15
N GLU A 162 11.06 -9.58 -24.39
CA GLU A 162 12.22 -8.87 -24.90
C GLU A 162 13.10 -9.84 -25.75
N ASN A 163 13.35 -11.02 -25.19
CA ASN A 163 14.10 -12.07 -25.89
C ASN A 163 13.18 -13.01 -26.67
N GLY A 164 13.67 -14.21 -26.99
CA GLY A 164 12.95 -15.16 -27.87
C GLY A 164 12.16 -16.23 -27.18
N TYR A 165 12.08 -16.15 -25.84
CA TYR A 165 11.24 -17.13 -25.16
C TYR A 165 9.80 -16.80 -25.45
N LEU A 166 9.01 -17.85 -25.66
CA LEU A 166 7.59 -17.79 -25.96
C LEU A 166 7.29 -17.05 -27.26
N SER A 167 8.24 -17.08 -28.19
CA SER A 167 8.05 -16.42 -29.49
C SER A 167 6.84 -16.98 -30.27
N SER A 168 6.46 -18.24 -30.03
CA SER A 168 5.30 -18.82 -30.75
C SER A 168 3.95 -18.23 -30.36
N TRP A 169 3.85 -17.64 -29.16
CA TRP A 169 2.57 -17.14 -28.67
C TRP A 169 2.23 -15.86 -29.45
N LYS A 170 0.95 -15.52 -29.47
CA LYS A 170 0.47 -14.32 -30.13
C LYS A 170 0.41 -13.16 -29.13
N TRP A 171 1.40 -12.29 -29.26
CA TRP A 171 1.65 -11.20 -28.34
C TRP A 171 0.91 -9.94 -28.81
N ASP A 172 1.21 -8.82 -28.14
CA ASP A 172 0.80 -7.48 -28.60
C ASP A 172 -0.69 -7.30 -28.74
N TYR A 173 -1.42 -7.55 -27.65
CA TYR A 173 -2.84 -7.29 -27.62
C TYR A 173 -3.01 -5.85 -28.13
N PRO A 174 -3.86 -5.62 -29.13
CA PRO A 174 -3.90 -4.29 -29.75
C PRO A 174 -4.53 -3.19 -28.89
N LYS A 175 -4.12 -1.95 -29.18
CA LYS A 175 -4.75 -0.78 -28.58
C LYS A 175 -6.22 -0.61 -28.94
N GLU A 176 -6.89 0.24 -28.17
CA GLU A 176 -8.29 0.63 -28.36
C GLU A 176 -9.23 -0.56 -28.39
N SER A 177 -8.86 -1.59 -27.62
CA SER A 177 -9.58 -2.86 -27.65
C SER A 177 -9.92 -3.41 -26.27
N GLY A 178 -10.01 -2.50 -25.30
CA GLY A 178 -10.33 -2.89 -23.94
C GLY A 178 -9.83 -1.88 -22.94
N MET A 179 -10.33 -2.02 -21.72
CA MET A 179 -10.10 -1.07 -20.65
C MET A 179 -9.71 -1.82 -19.39
N TYR A 180 -8.94 -1.13 -18.55
CA TYR A 180 -8.62 -1.57 -17.19
C TYR A 180 -9.32 -0.63 -16.22
N TYR A 181 -9.90 -1.21 -15.17
CA TYR A 181 -10.63 -0.47 -14.14
C TYR A 181 -10.10 -0.91 -12.78
N ALA A 182 -9.98 0.04 -11.83
CA ALA A 182 -9.59 -0.31 -10.48
C ALA A 182 -10.33 0.40 -9.39
N LEU A 183 -10.84 -0.37 -8.44
CA LEU A 183 -11.32 0.19 -7.20
C LEU A 183 -10.94 -0.76 -6.09
N TYR A 184 -9.73 -0.56 -5.61
CA TYR A 184 -9.07 -1.51 -4.69
C TYR A 184 -10.04 -1.98 -3.58
N PRO A 185 -10.19 -3.29 -3.31
CA PRO A 185 -9.29 -4.40 -3.74
C PRO A 185 -9.65 -5.07 -5.07
N ASN A 186 -10.67 -4.56 -5.74
CA ASN A 186 -11.13 -5.05 -7.02
C ASN A 186 -10.45 -4.32 -8.16
N SER A 187 -10.18 -5.07 -9.22
CA SER A 187 -9.88 -4.50 -10.52
C SER A 187 -10.49 -5.35 -11.60
N TRP A 188 -10.65 -4.75 -12.76
CA TRP A 188 -11.29 -5.37 -13.91
C TRP A 188 -10.57 -5.05 -15.20
N TYR A 189 -10.66 -6.00 -16.15
CA TYR A 189 -10.27 -5.79 -17.53
C TYR A 189 -11.46 -6.15 -18.42
N THR A 190 -11.71 -5.32 -19.41
CA THR A 190 -12.66 -5.68 -20.47
C THR A 190 -11.92 -5.85 -21.77
N TYR A 191 -12.43 -6.73 -22.64
CA TYR A 191 -11.80 -7.07 -23.90
C TYR A 191 -12.88 -6.98 -24.97
N THR A 192 -12.76 -5.92 -25.77
CA THR A 192 -13.77 -5.47 -26.74
C THR A 192 -13.00 -5.23 -28.03
N ASN A 193 -12.75 -6.33 -28.73
CA ASN A 193 -11.76 -6.41 -29.80
C ASN A 193 -12.49 -6.76 -31.08
N LYS A 194 -12.21 -6.02 -32.15
CA LYS A 194 -12.93 -6.21 -33.43
C LYS A 194 -12.75 -7.61 -34.05
N ASP A 195 -11.64 -8.28 -33.74
CA ASP A 195 -11.38 -9.67 -34.18
C ASP A 195 -11.77 -10.77 -33.20
N LEU A 196 -12.47 -10.41 -32.13
CA LEU A 196 -12.95 -11.38 -31.16
C LEU A 196 -14.43 -11.12 -31.02
N PRO A 197 -15.25 -11.93 -31.70
CA PRO A 197 -16.70 -11.69 -31.64
C PRO A 197 -17.29 -11.76 -30.27
N VAL A 198 -16.79 -12.65 -29.41
CA VAL A 198 -17.26 -12.75 -28.04
C VAL A 198 -16.45 -11.77 -27.20
N GLN A 199 -17.18 -10.98 -26.42
CA GLN A 199 -16.58 -9.98 -25.54
C GLN A 199 -16.39 -10.60 -24.18
N LEU A 200 -15.32 -10.21 -23.51
CA LEU A 200 -14.94 -10.82 -22.24
C LEU A 200 -14.63 -9.71 -21.24
N ALA A 201 -14.81 -10.05 -19.98
CA ALA A 201 -14.31 -9.23 -18.88
C ALA A 201 -13.87 -10.14 -17.77
N VAL A 202 -12.99 -9.63 -16.93
CA VAL A 202 -12.59 -10.36 -15.75
C VAL A 202 -12.64 -9.40 -14.58
N LYS A 203 -13.16 -9.89 -13.47
CA LYS A 203 -13.02 -9.18 -12.18
C LYS A 203 -11.98 -9.93 -11.31
N GLN A 204 -10.95 -9.23 -10.87
CA GLN A 204 -9.88 -9.85 -10.09
C GLN A 204 -9.72 -9.18 -8.74
N PHE A 205 -9.49 -9.97 -7.69
CA PHE A 205 -9.38 -9.40 -6.38
C PHE A 205 -8.79 -10.40 -5.42
N SER A 206 -8.37 -9.88 -4.28
CA SER A 206 -8.04 -10.69 -3.11
C SER A 206 -9.02 -10.24 -2.02
N PRO A 207 -9.36 -11.12 -1.05
CA PRO A 207 -10.34 -10.81 0.02
C PRO A 207 -9.79 -9.92 1.16
N ILE A 208 -9.56 -8.64 0.80
CA ILE A 208 -9.13 -7.59 1.73
C ILE A 208 -10.38 -6.99 2.36
N ILE A 209 -10.56 -7.29 3.64
CA ILE A 209 -11.82 -7.06 4.33
C ILE A 209 -11.58 -6.43 5.71
N PRO A 210 -12.04 -5.20 5.92
CA PRO A 210 -11.95 -4.58 7.24
C PRO A 210 -12.54 -5.43 8.34
N TYR A 211 -11.88 -5.42 9.49
CA TYR A 211 -12.27 -6.11 10.74
C TYR A 211 -12.16 -7.64 10.58
N ASN A 212 -11.48 -8.08 9.50
CA ASN A 212 -11.24 -9.45 9.20
C ASN A 212 -9.71 -9.59 9.13
N TYR A 213 -9.18 -10.48 9.98
CA TYR A 213 -7.75 -10.68 10.08
C TYR A 213 -7.35 -12.04 9.53
N LYS A 214 -8.29 -12.72 8.88
CA LYS A 214 -8.09 -14.10 8.43
C LYS A 214 -7.96 -14.06 6.92
N GLU A 215 -9.06 -13.94 6.19
CA GLU A 215 -9.03 -13.91 4.71
C GLU A 215 -8.14 -12.77 4.20
N THR A 216 -8.08 -11.68 4.96
CA THR A 216 -7.27 -10.51 4.61
C THR A 216 -5.78 -10.87 4.49
N SER A 217 -5.38 -11.92 5.18
CA SER A 217 -3.99 -12.42 5.16
C SER A 217 -3.66 -13.36 4.01
N TYR A 218 -4.64 -13.84 3.25
CA TYR A 218 -4.41 -14.92 2.31
C TYR A 218 -3.59 -14.58 1.06
N PRO A 219 -2.67 -15.49 0.70
CA PRO A 219 -1.86 -15.33 -0.53
C PRO A 219 -2.65 -15.93 -1.70
N VAL A 220 -3.69 -15.22 -2.09
CA VAL A 220 -4.63 -15.74 -3.09
C VAL A 220 -5.26 -14.60 -3.89
N ALA A 221 -5.65 -14.92 -5.12
CA ALA A 221 -6.37 -14.02 -5.99
C ALA A 221 -7.39 -14.83 -6.76
N VAL A 222 -8.53 -14.21 -7.02
CA VAL A 222 -9.60 -14.78 -7.80
C VAL A 222 -9.78 -13.98 -9.10
N PHE A 223 -10.05 -14.67 -10.19
CA PHE A 223 -10.25 -14.04 -11.47
C PHE A 223 -11.60 -14.56 -11.98
N LYS A 224 -12.63 -13.76 -11.81
CA LYS A 224 -13.99 -14.15 -12.21
C LYS A 224 -14.28 -13.64 -13.62
N TRP A 225 -14.34 -14.55 -14.60
CA TRP A 225 -14.49 -14.18 -16.00
C TRP A 225 -15.96 -14.14 -16.39
N THR A 226 -16.31 -13.19 -17.25
CA THR A 226 -17.65 -13.11 -17.87
C THR A 226 -17.42 -13.09 -19.38
N ALA A 227 -18.15 -13.92 -20.12
CA ALA A 227 -18.04 -13.95 -21.58
C ALA A 227 -19.44 -13.73 -22.14
N TYR A 228 -19.55 -12.84 -23.13
CA TYR A 228 -20.86 -12.53 -23.73
C TYR A 228 -20.77 -12.54 -25.25
N ASN A 229 -21.76 -13.15 -25.90
CA ASN A 229 -21.81 -13.22 -27.38
C ASN A 229 -22.89 -12.26 -27.90
N PRO A 230 -22.49 -11.08 -28.38
CA PRO A 230 -23.46 -10.14 -28.95
C PRO A 230 -23.79 -10.39 -30.46
N THR A 231 -23.14 -11.37 -31.11
CA THR A 231 -23.29 -11.58 -32.55
C THR A 231 -24.45 -12.57 -32.76
N ASN A 232 -24.74 -12.85 -34.02
CA ASN A 232 -25.84 -13.78 -34.37
C ASN A 232 -25.29 -15.11 -34.90
N LYS A 233 -24.07 -15.47 -34.48
CA LYS A 233 -23.44 -16.75 -34.81
C LYS A 233 -22.95 -17.43 -33.52
N ASN A 234 -23.02 -18.76 -33.48
CA ASN A 234 -22.41 -19.54 -32.40
C ASN A 234 -20.91 -19.32 -32.40
N VAL A 235 -20.31 -19.13 -31.22
CA VAL A 235 -18.85 -18.96 -31.14
C VAL A 235 -18.29 -19.92 -30.10
N ASP A 236 -17.23 -20.63 -30.49
CA ASP A 236 -16.45 -21.47 -29.58
C ASP A 236 -15.38 -20.61 -28.92
N VAL A 237 -15.30 -20.69 -27.59
CA VAL A 237 -14.40 -19.83 -26.83
C VAL A 237 -13.56 -20.64 -25.88
N SER A 238 -12.28 -20.29 -25.77
CA SER A 238 -11.47 -20.81 -24.65
C SER A 238 -10.72 -19.68 -23.92
N ILE A 239 -10.62 -19.82 -22.60
CA ILE A 239 -9.80 -18.94 -21.75
C ILE A 239 -8.75 -19.82 -21.10
N MET A 240 -7.49 -19.40 -21.22
CA MET A 240 -6.38 -20.16 -20.66
C MET A 240 -5.53 -19.31 -19.72
N PHE A 241 -5.26 -19.87 -18.54
CA PHE A 241 -4.38 -19.27 -17.53
C PHE A 241 -3.07 -20.03 -17.59
N THR A 242 -1.98 -19.32 -17.82
CA THR A 242 -0.65 -19.90 -17.79
C THR A 242 0.12 -19.28 -16.64
N TRP A 243 0.95 -20.10 -16.02
CA TRP A 243 1.78 -19.65 -14.90
C TRP A 243 3.11 -20.40 -14.93
N GLN A 244 4.19 -19.65 -14.78
CA GLN A 244 5.50 -20.24 -14.58
C GLN A 244 5.66 -20.78 -13.15
N ASN A 245 6.31 -21.94 -13.01
CA ASN A 245 6.71 -22.41 -11.71
C ASN A 245 7.85 -21.50 -11.22
N MET A 246 7.50 -20.59 -10.31
CA MET A 246 8.39 -19.51 -9.93
C MET A 246 9.22 -19.87 -8.71
N ILE A 247 9.17 -21.12 -8.27
CA ILE A 247 10.07 -21.52 -7.19
C ILE A 247 11.49 -21.27 -7.68
N GLY A 248 12.23 -20.50 -6.87
CA GLY A 248 13.59 -20.08 -7.18
C GLY A 248 13.68 -18.71 -7.81
N PHE A 249 12.54 -18.05 -8.06
CA PHE A 249 12.52 -16.67 -8.56
C PHE A 249 13.30 -15.74 -7.65
N PHE A 250 13.21 -15.99 -6.35
CA PHE A 250 14.00 -15.28 -5.33
C PHE A 250 14.44 -16.23 -4.25
N GLY A 251 15.49 -15.83 -3.54
CA GLY A 251 15.91 -16.53 -2.32
C GLY A 251 16.74 -17.77 -2.50
N LYS A 252 16.96 -18.22 -3.74
CA LYS A 252 17.74 -19.42 -3.98
C LYS A 252 19.07 -18.97 -4.59
N GLN A 253 20.19 -19.33 -3.99
CA GLN A 253 21.49 -18.75 -4.41
C GLN A 253 22.08 -19.41 -5.66
N VAL A 254 21.80 -20.70 -5.84
CA VAL A 254 22.27 -21.47 -7.00
C VAL A 254 21.14 -22.33 -7.56
N ASN A 255 21.32 -22.75 -8.82
CA ASN A 255 20.44 -23.73 -9.49
C ASN A 255 18.97 -23.37 -9.34
N VAL A 256 18.61 -22.22 -9.90
CA VAL A 256 17.32 -21.60 -9.57
C VAL A 256 16.05 -22.35 -9.95
N ASN A 257 16.11 -23.21 -10.98
CA ASN A 257 14.98 -24.04 -11.39
C ASN A 257 15.10 -25.49 -10.94
N SER A 258 16.25 -25.87 -10.42
CA SER A 258 16.53 -27.26 -10.19
C SER A 258 15.57 -27.91 -9.19
N GLY A 259 14.95 -29.00 -9.61
CA GLY A 259 14.01 -29.73 -8.74
C GLY A 259 12.56 -29.25 -8.85
N ASN A 260 12.33 -28.17 -9.60
CA ASN A 260 10.94 -27.71 -9.81
C ASN A 260 10.17 -28.77 -10.57
N PHE A 261 8.93 -29.00 -10.13
CA PHE A 261 8.03 -29.91 -10.82
C PHE A 261 6.59 -29.46 -10.66
N ASN A 262 5.76 -29.90 -11.59
CA ASN A 262 4.37 -29.53 -11.63
C ASN A 262 3.46 -30.77 -11.54
N LYS A 263 2.35 -30.63 -10.81
CA LYS A 263 1.35 -31.68 -10.77
C LYS A 263 -0.04 -31.12 -10.95
N ILE A 264 -0.95 -31.98 -11.34
CA ILE A 264 -2.32 -31.61 -11.56
C ILE A 264 -3.17 -32.29 -10.51
N ILE A 265 -4.10 -31.53 -9.92
CA ILE A 265 -5.04 -32.05 -8.92
C ILE A 265 -6.43 -31.91 -9.55
N LYS A 266 -7.19 -32.99 -9.54
CA LYS A 266 -8.59 -32.93 -9.94
C LYS A 266 -9.38 -33.29 -8.74
N ASP A 267 -10.17 -32.34 -8.25
CA ASP A 267 -10.95 -32.53 -7.04
C ASP A 267 -12.39 -32.53 -7.48
N LYS A 268 -12.95 -33.73 -7.57
CA LYS A 268 -14.32 -33.95 -8.01
C LYS A 268 -15.14 -34.30 -6.80
N SER A 269 -16.27 -33.64 -6.63
CA SER A 269 -17.28 -34.11 -5.69
C SER A 269 -18.63 -33.67 -6.23
N LYS A 270 -19.70 -34.24 -5.69
CA LYS A 270 -21.06 -33.88 -6.10
C LYS A 270 -21.22 -32.41 -6.47
N ASP A 271 -21.71 -32.19 -7.69
CA ASP A 271 -21.96 -30.85 -8.27
C ASP A 271 -20.73 -29.94 -8.18
N SER A 272 -19.55 -30.52 -8.34
CA SER A 272 -18.36 -29.73 -8.16
C SER A 272 -17.14 -30.36 -8.83
N GLU A 273 -16.37 -29.53 -9.52
CA GLU A 273 -15.03 -29.96 -9.92
C GLU A 273 -14.10 -28.79 -9.95
N ILE A 274 -12.96 -28.94 -9.29
CA ILE A 274 -11.85 -28.05 -9.43
C ILE A 274 -10.70 -28.82 -10.10
N VAL A 275 -10.06 -28.17 -11.06
CA VAL A 275 -8.83 -28.65 -11.63
C VAL A 275 -7.76 -27.60 -11.38
N ALA A 276 -6.66 -28.01 -10.77
CA ALA A 276 -5.53 -27.10 -10.45
C ALA A 276 -4.18 -27.67 -10.79
N ALA A 277 -3.24 -26.78 -11.14
CA ALA A 277 -1.83 -27.12 -11.23
C ALA A 277 -1.18 -26.68 -9.96
N VAL A 278 -0.28 -27.51 -9.41
CA VAL A 278 0.52 -27.15 -8.25
C VAL A 278 1.98 -27.22 -8.70
N MET A 279 2.64 -26.08 -8.59
CA MET A 279 3.97 -25.86 -9.09
C MET A 279 4.88 -25.73 -7.88
N GLY A 280 5.68 -26.77 -7.64
CA GLY A 280 6.49 -26.81 -6.43
C GLY A 280 7.89 -27.29 -6.73
N ASN A 281 8.55 -27.84 -5.69
CA ASN A 281 9.90 -28.34 -5.82
C ASN A 281 9.99 -29.67 -5.07
N ILE A 282 10.84 -30.58 -5.54
CA ILE A 282 10.97 -31.88 -4.87
C ILE A 282 11.58 -31.77 -3.48
N SER A 283 12.32 -30.70 -3.20
CA SER A 283 12.85 -30.51 -1.87
C SER A 283 11.77 -30.26 -0.81
N ASN A 284 11.99 -30.84 0.37
CA ASN A 284 11.15 -30.55 1.55
C ASN A 284 11.85 -29.57 2.47
N ASP A 285 12.96 -28.95 2.02
CA ASP A 285 13.63 -27.88 2.77
C ASP A 285 12.63 -26.79 3.21
N ASN A 286 12.80 -26.29 4.44
CA ASN A 286 11.97 -25.20 4.95
C ASN A 286 12.79 -23.93 4.85
N GLU A 287 12.73 -23.30 3.70
CA GLU A 287 13.53 -22.11 3.41
C GLU A 287 12.64 -21.08 2.77
N GLU A 288 13.12 -19.84 2.75
CA GLU A 288 12.40 -18.73 2.16
C GLU A 288 11.96 -18.98 0.70
N TRP A 289 12.81 -19.65 -0.06
CA TRP A 289 12.56 -19.85 -1.50
C TRP A 289 11.57 -20.96 -1.82
N ASN A 290 11.33 -21.86 -0.88
CA ASN A 290 10.57 -23.06 -1.15
C ASN A 290 9.12 -22.94 -0.75
N GLY A 291 8.28 -23.60 -1.53
CA GLY A 291 6.86 -23.63 -1.34
C GLY A 291 6.23 -24.03 -2.64
N GLU A 292 5.02 -23.50 -2.91
CA GLU A 292 4.25 -23.85 -4.07
C GLU A 292 3.45 -22.65 -4.58
N TYR A 293 3.30 -22.57 -5.89
CA TYR A 293 2.25 -21.78 -6.52
C TYR A 293 1.17 -22.72 -7.05
N SER A 294 -0.07 -22.23 -7.10
CA SER A 294 -1.14 -22.95 -7.75
C SER A 294 -2.03 -22.06 -8.62
N ILE A 295 -2.43 -22.56 -9.80
CA ILE A 295 -3.51 -21.96 -10.55
C ILE A 295 -4.60 -23.01 -10.82
N GLY A 296 -5.86 -22.58 -10.99
CA GLY A 296 -6.90 -23.54 -11.25
C GLY A 296 -8.17 -22.86 -11.61
N VAL A 297 -9.20 -23.70 -11.81
CA VAL A 297 -10.48 -23.23 -12.25
C VAL A 297 -11.55 -24.16 -11.64
N LYS A 298 -12.74 -23.62 -11.47
CA LYS A 298 -13.90 -24.39 -11.03
C LYS A 298 -14.85 -24.58 -12.22
N LYS A 299 -15.23 -25.83 -12.44
CA LYS A 299 -16.18 -26.17 -13.48
C LYS A 299 -17.52 -25.49 -13.19
N VAL A 300 -18.12 -24.97 -14.25
CA VAL A 300 -19.49 -24.48 -14.23
C VAL A 300 -20.23 -25.16 -15.38
N PRO A 301 -21.56 -25.20 -15.31
CA PRO A 301 -22.32 -25.78 -16.42
C PRO A 301 -22.00 -25.14 -17.77
N GLY A 302 -21.79 -25.97 -18.78
CA GLY A 302 -21.54 -25.52 -20.14
C GLY A 302 -20.08 -25.36 -20.49
N VAL A 303 -19.16 -25.61 -19.55
CA VAL A 303 -17.74 -25.48 -19.85
C VAL A 303 -17.04 -26.81 -19.63
N ASP A 304 -16.03 -27.07 -20.44
CA ASP A 304 -15.14 -28.18 -20.23
C ASP A 304 -13.79 -27.60 -19.79
N ILE A 305 -13.03 -28.40 -19.06
CA ILE A 305 -11.70 -27.99 -18.60
C ILE A 305 -10.66 -28.81 -19.33
N SER A 306 -9.56 -28.18 -19.73
CA SER A 306 -8.38 -28.89 -20.18
C SER A 306 -7.15 -28.32 -19.49
N TYR A 307 -6.05 -29.06 -19.53
CA TYR A 307 -4.85 -28.61 -18.89
C TYR A 307 -3.62 -29.14 -19.56
N LYS A 308 -2.50 -28.53 -19.22
CA LYS A 308 -1.19 -29.05 -19.56
C LYS A 308 -0.26 -28.84 -18.36
N ALA A 309 0.22 -29.95 -17.81
CA ALA A 309 1.02 -29.87 -16.60
C ALA A 309 2.36 -29.16 -16.76
N LYS A 310 3.00 -29.34 -17.90
CA LYS A 310 4.38 -28.92 -18.05
C LYS A 310 4.65 -28.41 -19.43
N PHE A 311 4.94 -27.11 -19.56
CA PHE A 311 5.53 -26.58 -20.78
C PHE A 311 6.77 -25.83 -20.38
N VAL A 312 7.66 -25.61 -21.35
CA VAL A 312 8.97 -25.08 -21.06
C VAL A 312 8.88 -23.57 -21.26
N THR A 313 9.18 -22.80 -20.23
CA THR A 313 9.09 -21.34 -20.29
C THR A 313 10.33 -20.75 -20.90
N THR A 314 11.46 -21.47 -20.80
CA THR A 314 12.74 -21.05 -21.40
C THR A 314 12.89 -21.77 -22.75
N GLY A 315 11.86 -21.66 -23.56
CA GLY A 315 11.83 -22.16 -24.92
C GLY A 315 10.81 -21.35 -25.68
N ASP A 316 10.45 -21.79 -26.89
CA ASP A 316 9.59 -20.94 -27.73
C ASP A 316 8.08 -21.03 -27.41
N GLY A 317 7.72 -21.93 -26.51
CA GLY A 317 6.36 -22.04 -26.03
C GLY A 317 5.40 -22.79 -26.91
N SER A 318 5.89 -23.36 -28.02
CA SER A 318 5.01 -23.95 -29.01
C SER A 318 4.49 -25.29 -28.54
N ASP A 319 5.19 -25.91 -27.59
CA ASP A 319 4.71 -27.12 -26.93
C ASP A 319 3.31 -26.92 -26.35
N LEU A 320 3.04 -25.72 -25.83
CA LEU A 320 1.71 -25.37 -25.38
C LEU A 320 0.88 -24.72 -26.52
N TRP A 321 1.47 -23.73 -27.17
CA TRP A 321 0.69 -22.86 -28.06
C TRP A 321 0.12 -23.57 -29.29
N HIS A 322 0.84 -24.55 -29.85
CA HIS A 322 0.31 -25.31 -31.01
C HIS A 322 -1.02 -26.01 -30.64
N GLU A 323 -1.18 -26.40 -29.37
CA GLU A 323 -2.44 -26.98 -28.89
C GLU A 323 -3.54 -25.91 -28.77
N PHE A 324 -3.24 -24.86 -28.04
CA PHE A 324 -4.25 -23.86 -27.72
C PHE A 324 -4.72 -23.14 -29.00
N SER A 325 -3.79 -22.88 -29.92
CA SER A 325 -4.16 -22.06 -31.09
C SER A 325 -4.94 -22.86 -32.14
N LYS A 326 -4.97 -24.18 -32.01
CA LYS A 326 -5.66 -25.02 -32.99
C LYS A 326 -7.15 -25.00 -32.69
N ASN A 327 -7.52 -25.37 -31.47
CA ASN A 327 -8.93 -25.44 -31.10
C ASN A 327 -9.23 -25.02 -29.65
N GLY A 328 -8.27 -24.37 -28.98
CA GLY A 328 -8.48 -23.95 -27.59
C GLY A 328 -8.61 -25.05 -26.58
N ILE A 329 -8.07 -26.23 -26.90
CA ILE A 329 -8.16 -27.41 -26.03
C ILE A 329 -6.76 -27.93 -25.83
N LEU A 330 -6.36 -28.10 -24.58
CA LEU A 330 -5.02 -28.59 -24.28
C LEU A 330 -5.00 -30.12 -24.22
N ASP A 331 -3.78 -30.66 -24.10
CA ASP A 331 -3.54 -32.12 -24.23
C ASP A 331 -3.92 -32.98 -23.02
N ASN A 332 -4.18 -32.34 -21.88
CA ASN A 332 -4.43 -33.02 -20.60
C ASN A 332 -3.26 -33.94 -20.23
N LYS A 333 -2.05 -33.52 -20.57
CA LYS A 333 -0.87 -34.31 -20.30
C LYS A 333 -0.32 -33.97 -18.91
N ASP A 334 -0.37 -34.96 -18.02
CA ASP A 334 0.33 -34.91 -16.76
C ASP A 334 1.78 -35.28 -16.97
N ASP A 335 2.68 -34.66 -16.22
CA ASP A 335 4.08 -35.00 -16.25
C ASP A 335 4.78 -34.37 -15.05
N GLU A 336 5.08 -35.19 -14.04
CA GLU A 336 5.72 -34.69 -12.82
C GLU A 336 7.24 -34.71 -12.89
N THR A 337 7.82 -34.92 -14.08
CA THR A 337 9.26 -34.95 -14.16
C THR A 337 9.86 -33.59 -13.71
N PRO A 338 10.76 -33.59 -12.70
CA PRO A 338 11.38 -32.35 -12.31
C PRO A 338 12.34 -31.81 -13.38
N THR A 339 12.45 -30.50 -13.46
CA THR A 339 13.40 -29.84 -14.32
C THR A 339 14.76 -29.69 -13.64
N LYS A 340 15.77 -29.39 -14.45
CA LYS A 340 17.12 -29.14 -13.97
C LYS A 340 17.48 -27.66 -14.23
N GLN A 341 17.69 -27.29 -15.48
CA GLN A 341 18.04 -25.92 -15.86
C GLN A 341 16.87 -25.15 -16.44
N ASP A 342 16.04 -25.80 -17.27
CA ASP A 342 14.89 -25.14 -17.90
C ASP A 342 13.83 -24.66 -16.93
N GLY A 343 13.28 -23.49 -17.24
CA GLY A 343 12.09 -23.02 -16.57
C GLY A 343 10.86 -23.76 -17.10
N ILE A 344 9.93 -24.06 -16.19
CA ILE A 344 8.71 -24.77 -16.55
C ILE A 344 7.51 -24.02 -16.02
N GLY A 345 6.36 -24.38 -16.56
CA GLY A 345 5.09 -23.73 -16.26
C GLY A 345 3.92 -24.69 -16.53
N SER A 346 2.73 -24.28 -16.12
CA SER A 346 1.52 -25.07 -16.24
C SER A 346 0.45 -24.21 -16.88
N ALA A 347 -0.56 -24.88 -17.41
CA ALA A 347 -1.65 -24.21 -18.11
C ALA A 347 -2.96 -24.87 -17.76
N ILE A 348 -3.95 -24.02 -17.46
CA ILE A 348 -5.34 -24.45 -17.18
C ILE A 348 -6.27 -23.67 -18.09
N ALA A 349 -7.14 -24.42 -18.80
CA ALA A 349 -8.04 -23.83 -19.77
C ALA A 349 -9.48 -24.27 -19.62
N VAL A 350 -10.40 -23.41 -20.03
CA VAL A 350 -11.78 -23.78 -20.17
C VAL A 350 -12.19 -23.56 -21.60
N ASN A 351 -13.09 -24.38 -22.10
CA ASN A 351 -13.65 -24.20 -23.44
C ASN A 351 -15.15 -24.37 -23.38
N PHE A 352 -15.84 -23.56 -24.18
CA PHE A 352 -17.28 -23.51 -24.16
C PHE A 352 -17.81 -22.94 -25.47
N LYS A 353 -19.11 -23.17 -25.72
CA LYS A 353 -19.78 -22.65 -26.92
C LYS A 353 -20.76 -21.61 -26.45
N LEU A 354 -20.69 -20.39 -26.98
CA LEU A 354 -21.71 -19.38 -26.66
C LEU A 354 -22.61 -19.17 -27.86
N GLN A 355 -23.90 -19.33 -27.60
CA GLN A 355 -24.93 -19.01 -28.58
C GLN A 355 -25.18 -17.51 -28.62
N PRO A 356 -25.87 -17.01 -29.67
CA PRO A 356 -26.22 -15.58 -29.68
C PRO A 356 -26.94 -15.14 -28.43
N GLY A 357 -26.48 -14.02 -27.89
CA GLY A 357 -27.05 -13.45 -26.65
C GLY A 357 -26.71 -14.17 -25.36
N GLN A 358 -25.81 -15.16 -25.39
CA GLN A 358 -25.55 -15.95 -24.19
C GLN A 358 -24.38 -15.38 -23.38
N THR A 359 -24.50 -15.53 -22.06
CA THR A 359 -23.47 -15.12 -21.10
C THR A 359 -23.07 -16.31 -20.30
N ILE A 360 -21.78 -16.40 -19.96
CA ILE A 360 -21.31 -17.39 -19.02
C ILE A 360 -20.28 -16.75 -18.08
N GLU A 361 -20.18 -17.29 -16.89
CA GLU A 361 -19.25 -16.82 -15.85
C GLU A 361 -18.42 -18.00 -15.39
N VAL A 362 -17.11 -17.83 -15.30
CA VAL A 362 -16.23 -18.91 -14.84
C VAL A 362 -15.11 -18.35 -13.97
N PRO A 363 -14.89 -18.94 -12.79
CA PRO A 363 -13.84 -18.47 -11.89
C PRO A 363 -12.54 -19.27 -11.95
N PHE A 364 -11.45 -18.55 -12.10
CA PHE A 364 -10.10 -19.05 -11.91
C PHE A 364 -9.54 -18.48 -10.62
N ALA A 365 -8.44 -19.08 -10.14
CA ALA A 365 -7.74 -18.53 -9.01
C ALA A 365 -6.26 -18.81 -9.10
N LEU A 366 -5.53 -18.07 -8.28
CA LEU A 366 -4.09 -18.19 -8.13
C LEU A 366 -3.80 -18.15 -6.64
N SER A 367 -2.95 -19.04 -6.17
CA SER A 367 -2.43 -19.01 -4.82
C SER A 367 -0.93 -19.23 -4.76
N TRP A 368 -0.35 -18.80 -3.67
CA TRP A 368 1.11 -18.99 -3.48
C TRP A 368 1.37 -19.29 -2.03
N ASP A 369 1.88 -20.48 -1.76
CA ASP A 369 2.22 -20.87 -0.39
C ASP A 369 3.73 -20.81 -0.29
N LEU A 370 4.22 -19.66 0.18
CA LEU A 370 5.65 -19.40 0.45
C LEU A 370 5.67 -19.02 1.91
N PRO A 371 5.75 -20.02 2.80
CA PRO A 371 5.44 -19.76 4.22
C PRO A 371 6.44 -18.94 4.99
N ILE A 372 7.69 -18.91 4.52
CA ILE A 372 8.77 -18.31 5.28
C ILE A 372 9.23 -17.02 4.62
N MET A 373 9.33 -15.96 5.42
CA MET A 373 10.00 -14.73 5.00
C MET A 373 11.33 -14.67 5.72
N LYS A 374 12.35 -14.24 4.99
CA LYS A 374 13.68 -14.07 5.55
C LYS A 374 14.12 -12.62 5.34
N PHE A 375 14.69 -12.03 6.40
CA PHE A 375 15.21 -10.69 6.32
C PHE A 375 16.72 -10.72 6.23
N GLY A 376 17.32 -9.64 5.74
CA GLY A 376 18.74 -9.61 5.41
C GLY A 376 19.65 -9.85 6.61
N GLY A 377 19.17 -9.53 7.81
CA GLY A 377 19.94 -9.83 9.02
C GLY A 377 19.89 -11.27 9.48
N GLY A 378 19.11 -12.09 8.79
CA GLY A 378 19.14 -13.54 8.97
C GLY A 378 17.88 -14.16 9.58
N ASP A 379 17.03 -13.35 10.21
CA ASP A 379 15.83 -13.86 10.84
C ASP A 379 14.87 -14.43 9.82
N LYS A 380 14.26 -15.56 10.17
CA LYS A 380 13.25 -16.19 9.37
C LYS A 380 11.99 -16.30 10.20
N TRP A 381 10.88 -15.91 9.60
CA TRP A 381 9.57 -15.89 10.24
C TRP A 381 8.54 -16.52 9.35
N TYR A 382 7.55 -17.13 9.98
CA TYR A 382 6.39 -17.57 9.26
C TYR A 382 5.44 -16.44 8.99
N LYS A 383 4.80 -16.47 7.82
CA LYS A 383 3.82 -15.44 7.46
C LYS A 383 2.47 -15.74 8.08
N MET A 384 1.71 -14.66 8.26
CA MET A 384 0.46 -14.75 9.02
C MET A 384 -0.48 -15.87 8.54
N TYR A 385 -0.67 -16.00 7.21
CA TYR A 385 -1.67 -16.94 6.68
C TYR A 385 -1.42 -18.39 7.11
N THR A 386 -0.17 -18.69 7.47
CA THR A 386 0.18 -20.02 7.89
C THR A 386 -0.63 -20.49 9.12
N LYS A 387 -1.13 -19.55 9.91
CA LYS A 387 -2.05 -19.87 10.99
C LYS A 387 -3.27 -20.66 10.50
N TYR A 388 -3.75 -20.34 9.29
CA TYR A 388 -4.96 -20.88 8.74
C TYR A 388 -4.72 -22.09 7.85
N PHE A 389 -3.54 -22.24 7.27
CA PHE A 389 -3.28 -23.29 6.26
C PHE A 389 -2.12 -24.20 6.58
N GLY A 390 -1.33 -23.86 7.58
CA GLY A 390 -0.15 -24.61 7.91
C GLY A 390 1.13 -23.95 7.46
N LYS A 391 2.24 -24.50 7.93
CA LYS A 391 3.57 -23.93 7.81
C LYS A 391 4.49 -24.73 6.87
N ASN A 392 4.08 -25.89 6.34
CA ASN A 392 5.05 -26.77 5.64
C ASN A 392 5.29 -26.44 4.16
N GLY A 393 4.57 -25.46 3.63
CA GLY A 393 4.75 -25.01 2.27
C GLY A 393 4.19 -25.95 1.21
N LYS A 394 3.28 -26.83 1.59
CA LYS A 394 2.69 -27.79 0.69
C LYS A 394 1.18 -27.64 0.66
N ASN A 395 0.70 -26.40 0.75
CA ASN A 395 -0.73 -26.12 0.95
C ASN A 395 -1.35 -25.20 -0.06
N SER A 396 -0.67 -24.94 -1.17
CA SER A 396 -1.22 -24.05 -2.18
C SER A 396 -2.58 -24.50 -2.71
N PHE A 397 -2.79 -25.81 -2.88
CA PHE A 397 -4.09 -26.30 -3.36
C PHE A 397 -5.22 -25.99 -2.37
N ALA A 398 -4.97 -26.21 -1.08
CA ALA A 398 -5.98 -25.88 -0.03
C ALA A 398 -6.43 -24.42 -0.09
N ILE A 399 -5.45 -23.52 -0.31
CA ILE A 399 -5.73 -22.08 -0.39
C ILE A 399 -6.58 -21.80 -1.63
N LEU A 400 -6.16 -22.35 -2.75
CA LEU A 400 -6.85 -22.15 -4.01
C LEU A 400 -8.29 -22.68 -3.94
N LYS A 401 -8.47 -23.86 -3.34
CA LYS A 401 -9.81 -24.44 -3.19
C LYS A 401 -10.73 -23.58 -2.30
N GLU A 402 -10.18 -23.06 -1.21
CA GLU A 402 -10.95 -22.16 -0.35
C GLU A 402 -11.44 -20.97 -1.17
N ALA A 403 -10.57 -20.40 -2.02
CA ALA A 403 -10.94 -19.27 -2.84
C ALA A 403 -12.03 -19.64 -3.87
N LEU A 404 -11.83 -20.74 -4.58
CA LEU A 404 -12.79 -21.10 -5.59
C LEU A 404 -14.14 -21.51 -5.00
N ASN A 405 -14.17 -22.06 -3.78
CA ASN A 405 -15.46 -22.36 -3.10
C ASN A 405 -16.09 -21.24 -2.29
N ASN A 406 -15.43 -20.09 -2.14
CA ASN A 406 -15.92 -19.01 -1.27
C ASN A 406 -15.87 -17.64 -1.90
N TYR A 407 -15.47 -17.52 -3.17
CA TYR A 407 -15.22 -16.20 -3.73
C TYR A 407 -16.48 -15.34 -3.81
N GLN A 408 -17.66 -15.97 -3.96
CA GLN A 408 -18.91 -15.16 -4.07
C GLN A 408 -19.18 -14.47 -2.75
N LYS A 409 -18.92 -15.17 -1.65
CA LYS A 409 -19.09 -14.60 -0.34
C LYS A 409 -18.07 -13.46 -0.15
N TRP A 410 -16.84 -13.68 -0.61
CA TRP A 410 -15.82 -12.63 -0.49
C TRP A 410 -16.22 -11.37 -1.25
N GLU A 411 -16.79 -11.53 -2.44
CA GLU A 411 -17.23 -10.39 -3.24
C GLU A 411 -18.25 -9.58 -2.47
N LYS A 412 -19.17 -10.29 -1.83
CA LYS A 412 -20.23 -9.64 -1.06
C LYS A 412 -19.66 -8.90 0.14
N MET A 413 -18.71 -9.50 0.85
CA MET A 413 -18.07 -8.85 1.99
C MET A 413 -17.36 -7.54 1.59
N ILE A 414 -16.74 -7.56 0.42
CA ILE A 414 -16.06 -6.38 -0.13
C ILE A 414 -17.10 -5.30 -0.47
N ASP A 415 -18.16 -5.69 -1.15
CA ASP A 415 -19.27 -4.81 -1.47
C ASP A 415 -19.84 -4.17 -0.20
N ASP A 416 -19.99 -4.98 0.83
CA ASP A 416 -20.57 -4.55 2.12
C ASP A 416 -19.73 -3.44 2.74
N TRP A 417 -18.41 -3.52 2.66
CA TRP A 417 -17.60 -2.44 3.20
C TRP A 417 -17.42 -1.25 2.30
N GLN A 418 -17.45 -1.45 0.98
CA GLN A 418 -17.33 -0.30 0.07
C GLN A 418 -18.66 0.49 -0.03
N LYS A 419 -19.78 -0.18 0.18
CA LYS A 419 -21.10 0.42 -0.07
C LYS A 419 -21.40 1.72 0.67
N PRO A 420 -21.02 1.82 1.97
CA PRO A 420 -21.34 3.08 2.66
C PRO A 420 -20.77 4.31 1.99
N ILE A 421 -19.54 4.22 1.47
CA ILE A 421 -18.94 5.33 0.78
C ILE A 421 -19.51 5.47 -0.62
N LEU A 422 -19.63 4.37 -1.35
CA LEU A 422 -20.07 4.43 -2.73
C LEU A 422 -21.48 4.96 -2.83
N SER A 423 -22.30 4.63 -1.84
CA SER A 423 -23.72 5.04 -1.86
C SER A 423 -23.98 6.48 -1.37
N ASN A 424 -22.94 7.16 -0.89
CA ASN A 424 -23.04 8.54 -0.44
C ASN A 424 -22.87 9.43 -1.64
N LYS A 425 -23.99 9.89 -2.18
CA LYS A 425 -23.98 10.73 -3.39
C LYS A 425 -23.58 12.19 -3.13
N SER A 426 -23.33 12.56 -1.89
CA SER A 426 -22.77 13.88 -1.60
C SER A 426 -21.28 13.96 -1.88
N LYS A 427 -20.62 12.82 -1.94
CA LYS A 427 -19.19 12.78 -2.17
C LYS A 427 -18.90 12.58 -3.67
N PRO A 428 -18.01 13.41 -4.25
CA PRO A 428 -17.66 13.24 -5.66
C PRO A 428 -16.96 11.92 -5.93
N ASP A 429 -17.16 11.37 -7.13
CA ASP A 429 -16.51 10.09 -7.47
C ASP A 429 -14.98 10.11 -7.42
N TRP A 430 -14.37 11.22 -7.80
CA TRP A 430 -12.91 11.31 -7.78
C TRP A 430 -12.36 11.04 -6.38
N TYR A 431 -13.05 11.55 -5.38
CA TYR A 431 -12.62 11.37 -4.01
C TYR A 431 -12.67 9.87 -3.61
N LYS A 432 -13.70 9.18 -4.06
CA LYS A 432 -13.85 7.74 -3.82
C LYS A 432 -12.74 6.97 -4.56
N THR A 433 -12.39 7.42 -5.76
CA THR A 433 -11.31 6.78 -6.52
C THR A 433 -10.03 6.75 -5.68
N ALA A 434 -9.68 7.91 -5.13
CA ALA A 434 -8.48 8.06 -4.31
C ALA A 434 -8.61 7.32 -3.00
N LEU A 435 -9.74 7.46 -2.33
CA LEU A 435 -9.92 6.83 -1.03
C LEU A 435 -9.68 5.32 -1.07
N PHE A 436 -10.32 4.62 -2.01
CA PHE A 436 -10.15 3.16 -2.08
C PHE A 436 -8.80 2.80 -2.69
N ASN A 437 -8.37 3.50 -3.75
CA ASN A 437 -7.19 3.04 -4.46
C ASN A 437 -5.91 3.32 -3.66
N GLU A 438 -5.91 4.33 -2.80
CA GLU A 438 -4.72 4.61 -1.94
C GLU A 438 -4.45 3.42 -1.01
N LEU A 439 -5.50 2.70 -0.63
CA LEU A 439 -5.36 1.49 0.19
C LEU A 439 -4.52 0.37 -0.38
N TYR A 440 -4.18 0.43 -1.67
CA TYR A 440 -3.30 -0.54 -2.29
C TYR A 440 -2.03 -0.69 -1.42
N TYR A 441 -1.58 0.43 -0.81
CA TYR A 441 -0.27 0.40 -0.13
C TYR A 441 -0.26 -0.50 1.14
N LEU A 442 -1.42 -0.71 1.76
CA LEU A 442 -1.49 -1.56 2.97
C LEU A 442 -1.02 -2.96 2.68
N ALA A 443 -1.36 -3.45 1.50
CA ALA A 443 -0.84 -4.74 1.04
C ALA A 443 0.52 -4.61 0.35
N ASP A 444 0.68 -3.56 -0.45
CA ASP A 444 1.83 -3.47 -1.32
C ASP A 444 3.06 -2.94 -0.62
N GLY A 445 2.97 -2.46 0.62
CA GLY A 445 4.11 -1.78 1.24
C GLY A 445 5.07 -2.68 2.00
N GLY A 446 5.43 -3.81 1.41
CA GLY A 446 6.45 -4.71 2.04
C GLY A 446 5.94 -5.32 3.33
N THR A 447 4.63 -5.50 3.41
CA THR A 447 3.96 -5.72 4.65
C THR A 447 4.38 -7.07 5.26
N ALA A 448 4.78 -7.02 6.51
CA ALA A 448 5.27 -8.16 7.26
C ALA A 448 4.35 -8.42 8.43
N TRP A 449 3.91 -9.67 8.58
CA TRP A 449 2.93 -10.03 9.62
C TRP A 449 3.24 -11.48 10.04
N GLU A 450 3.93 -11.60 11.17
CA GLU A 450 4.55 -12.87 11.54
C GLU A 450 3.66 -13.78 12.39
N ASN A 451 3.84 -15.09 12.17
CA ASN A 451 3.17 -16.15 12.92
C ASN A 451 4.23 -17.11 13.48
N GLY A 452 5.27 -16.53 14.06
CA GLY A 452 6.36 -17.29 14.71
C GLY A 452 7.69 -17.22 14.00
N LYS A 453 8.75 -17.24 14.79
CA LYS A 453 10.11 -17.36 14.26
C LYS A 453 10.31 -18.83 13.86
N VAL A 454 10.98 -19.06 12.76
CA VAL A 454 11.22 -20.40 12.29
C VAL A 454 12.05 -21.12 13.38
N GLY A 455 11.58 -22.29 13.81
CA GLY A 455 12.22 -23.08 14.88
C GLY A 455 12.04 -22.58 16.32
N GLU A 456 10.81 -22.36 16.76
CA GLU A 456 10.57 -21.78 18.11
C GLU A 456 9.26 -22.25 18.72
N LYS A 459 5.39 -20.26 21.30
CA LYS A 459 4.39 -19.51 20.57
C LYS A 459 3.68 -18.46 21.44
N ARG A 460 3.67 -17.21 20.97
CA ARG A 460 3.14 -16.06 21.71
C ARG A 460 1.64 -15.81 21.45
N THR A 461 1.09 -14.79 22.11
CA THR A 461 -0.29 -14.32 21.92
C THR A 461 -0.51 -13.48 20.63
N ASN A 462 0.47 -12.67 20.28
CA ASN A 462 0.32 -11.65 19.25
C ASN A 462 1.14 -11.95 18.01
N ASN A 463 0.79 -11.28 16.93
CA ASN A 463 1.45 -11.44 15.63
C ASN A 463 2.00 -10.09 15.28
N MET A 464 3.33 -9.92 15.36
CA MET A 464 3.92 -8.61 15.11
C MET A 464 3.68 -8.22 13.65
N PHE A 465 3.57 -6.91 13.40
CA PHE A 465 3.18 -6.36 12.09
C PHE A 465 4.09 -5.18 11.76
N GLY A 466 4.37 -5.02 10.47
CA GLY A 466 5.01 -3.83 9.98
C GLY A 466 4.72 -3.53 8.55
N LEU A 467 4.47 -2.25 8.28
CA LEU A 467 4.31 -1.69 6.96
C LEU A 467 5.52 -0.78 6.70
N LEU A 468 6.15 -0.89 5.54
CA LEU A 468 7.27 -0.01 5.21
C LEU A 468 6.82 1.41 5.01
N GLU A 469 7.69 2.36 5.30
CA GLU A 469 7.42 3.72 4.84
C GLU A 469 7.44 3.84 3.33
N CYS A 470 8.35 3.11 2.71
CA CYS A 470 8.50 2.96 1.27
C CYS A 470 9.66 1.98 1.01
N PHE A 471 9.99 1.80 -0.25
CA PHE A 471 11.07 0.88 -0.65
C PHE A 471 12.42 1.55 -0.80
N ASP A 472 12.44 2.81 -1.23
CA ASP A 472 13.70 3.57 -1.28
C ASP A 472 14.36 3.76 0.08
N TYR A 473 13.53 3.94 1.11
CA TYR A 473 13.98 4.13 2.47
C TYR A 473 13.27 3.04 3.28
N ASN A 474 13.93 1.90 3.34
CA ASN A 474 13.33 0.60 3.69
C ASN A 474 13.26 0.43 5.23
N TYR A 475 12.38 1.21 5.85
CA TYR A 475 12.19 1.26 7.29
C TYR A 475 10.76 0.87 7.63
N TYR A 476 10.59 -0.04 8.60
CA TYR A 476 9.25 -0.44 9.09
C TYR A 476 8.64 0.55 10.05
N GLU A 477 7.40 0.95 9.76
CA GLU A 477 6.55 1.71 10.67
C GLU A 477 7.09 3.06 11.12
N THR A 478 7.86 3.70 10.26
CA THR A 478 8.41 4.99 10.56
C THR A 478 7.37 5.87 11.27
N LEU A 479 7.66 6.20 12.51
CA LEU A 479 6.61 6.73 13.38
C LEU A 479 6.15 8.13 12.96
N ASP A 480 7.11 8.98 12.59
CA ASP A 480 6.79 10.33 12.14
C ASP A 480 5.91 10.36 10.89
N VAL A 481 5.98 9.30 10.10
CA VAL A 481 5.21 9.08 8.89
C VAL A 481 3.86 8.39 9.19
N ARG A 482 3.90 7.36 10.05
CA ARG A 482 2.63 6.61 10.39
C ARG A 482 1.61 7.49 11.15
N PHE A 483 2.10 8.57 11.78
CA PHE A 483 1.25 9.61 12.36
C PHE A 483 0.19 10.07 11.36
N TYR A 484 0.61 10.16 10.10
CA TYR A 484 -0.27 10.42 8.97
C TYR A 484 -0.81 9.10 8.35
N GLY A 485 0.08 8.15 8.07
CA GLY A 485 -0.22 7.02 7.22
C GLY A 485 -1.02 5.87 7.83
N SER A 486 -1.27 5.90 9.13
CA SER A 486 -1.84 4.75 9.82
C SER A 486 -3.36 4.84 9.97
N PHE A 487 -3.97 5.89 9.43
CA PHE A 487 -5.43 6.02 9.54
C PHE A 487 -6.24 4.78 9.04
N PRO A 488 -5.89 4.19 7.89
CA PRO A 488 -6.65 3.03 7.48
C PRO A 488 -6.55 1.90 8.48
N LEU A 489 -5.40 1.75 9.13
CA LEU A 489 -5.27 0.66 10.10
C LEU A 489 -6.14 0.89 11.33
N VAL A 490 -6.05 2.07 11.92
CA VAL A 490 -6.93 2.33 13.08
C VAL A 490 -8.43 2.24 12.71
N MET A 491 -8.82 2.74 11.53
N MET A 491 -8.81 2.78 11.54
CA MET A 491 -10.24 2.77 11.17
CA MET A 491 -10.21 2.85 11.08
C MET A 491 -10.79 1.44 10.66
C MET A 491 -10.76 1.47 10.68
N LEU A 492 -9.93 0.62 10.03
CA LEU A 492 -10.40 -0.63 9.37
C LEU A 492 -9.81 -1.95 9.89
N TRP A 493 -8.61 -1.89 10.48
CA TRP A 493 -7.97 -3.05 11.09
C TRP A 493 -7.39 -2.71 12.46
N PRO A 494 -8.25 -2.24 13.40
CA PRO A 494 -7.69 -1.69 14.62
C PRO A 494 -6.85 -2.62 15.48
N ASP A 495 -7.07 -3.94 15.39
CA ASP A 495 -6.28 -4.88 16.21
C ASP A 495 -4.82 -4.92 15.73
N ILE A 496 -4.61 -4.71 14.44
CA ILE A 496 -3.28 -4.54 13.93
C ILE A 496 -2.70 -3.22 14.43
N GLU A 497 -3.46 -2.13 14.31
CA GLU A 497 -2.98 -0.82 14.75
C GLU A 497 -2.49 -0.81 16.24
N LYS A 498 -3.29 -1.41 17.10
CA LYS A 498 -2.93 -1.50 18.51
C LYS A 498 -1.71 -2.35 18.75
N GLN A 499 -1.57 -3.45 18.02
CA GLN A 499 -0.34 -4.27 18.06
C GLN A 499 0.90 -3.45 17.69
N VAL A 500 0.82 -2.70 16.60
CA VAL A 500 1.94 -1.84 16.21
C VAL A 500 2.30 -0.85 17.34
N MET A 501 1.29 -0.23 17.95
CA MET A 501 1.58 0.75 19.00
C MET A 501 2.15 0.11 20.26
N ARG A 502 1.70 -1.09 20.61
CA ARG A 502 2.33 -1.83 21.72
C ARG A 502 3.79 -2.17 21.40
N GLN A 503 4.08 -2.48 20.15
CA GLN A 503 5.48 -2.67 19.72
C GLN A 503 6.30 -1.41 20.01
N PHE A 504 5.75 -0.24 19.71
CA PHE A 504 6.47 1.02 20.02
C PHE A 504 6.59 1.23 21.53
N ALA A 505 5.51 0.92 22.27
CA ALA A 505 5.55 1.03 23.75
C ALA A 505 6.71 0.24 24.33
N ASP A 506 6.87 -0.98 23.83
CA ASP A 506 7.92 -1.89 24.30
C ASP A 506 9.32 -1.38 24.04
N THR A 507 9.49 -0.49 23.07
CA THR A 507 10.81 0.05 22.75
C THR A 507 11.22 1.26 23.58
N ILE A 508 10.30 1.89 24.32
CA ILE A 508 10.60 3.24 24.87
C ILE A 508 11.90 3.24 25.71
N ASN A 509 12.04 2.27 26.60
CA ASN A 509 13.20 2.25 27.50
C ASN A 509 14.33 1.37 27.02
N VAL A 510 14.25 0.86 25.79
CA VAL A 510 15.42 0.18 25.20
C VAL A 510 16.56 1.18 25.08
N GLN A 511 17.76 0.74 25.47
CA GLN A 511 18.99 1.53 25.33
C GLN A 511 19.95 0.70 24.47
N ASP A 512 20.51 1.33 23.44
CA ASP A 512 21.57 0.70 22.66
C ASP A 512 22.66 1.77 22.55
N SER A 513 23.74 1.53 23.30
CA SER A 513 24.84 2.47 23.43
C SER A 513 25.88 2.43 22.30
N SER A 514 25.73 1.48 21.36
CA SER A 514 26.57 1.45 20.18
C SER A 514 26.29 2.64 19.28
N GLU A 515 27.33 3.11 18.59
CA GLU A 515 27.24 4.35 17.84
C GLU A 515 27.18 4.12 16.34
N PHE A 516 26.52 5.04 15.64
CA PHE A 516 26.36 4.99 14.19
C PHE A 516 26.73 6.38 13.68
N LYS A 517 27.07 6.47 12.39
CA LYS A 517 27.45 7.72 11.74
C LYS A 517 26.21 8.38 11.18
N VAL A 518 25.95 9.61 11.60
CA VAL A 518 24.77 10.36 11.17
C VAL A 518 25.06 10.84 9.76
N GLY A 519 24.15 10.52 8.83
CA GLY A 519 24.34 10.81 7.42
C GLY A 519 24.49 12.28 7.08
N SER A 520 23.72 13.14 7.73
CA SER A 520 23.66 14.53 7.31
C SER A 520 24.93 15.32 7.64
N ASN A 521 25.59 14.98 8.75
CA ASN A 521 26.78 15.73 9.21
C ASN A 521 28.03 14.86 9.49
N GLY A 522 27.89 13.55 9.40
CA GLY A 522 29.02 12.63 9.64
C GLY A 522 29.46 12.46 11.08
N ALA A 523 28.72 13.00 12.04
CA ALA A 523 29.02 12.80 13.45
C ALA A 523 28.56 11.41 13.91
N MET A 524 29.16 10.92 15.00
CA MET A 524 28.74 9.70 15.66
C MET A 524 27.67 9.95 16.71
N ALA A 525 26.71 9.03 16.81
CA ALA A 525 25.64 9.15 17.80
C ALA A 525 25.25 7.81 18.31
N VAL A 526 24.70 7.81 19.52
CA VAL A 526 24.16 6.62 20.15
C VAL A 526 22.90 6.13 19.41
N LYS A 527 22.82 4.81 19.25
CA LYS A 527 21.77 4.22 18.42
C LYS A 527 20.36 4.43 18.99
N LYS A 528 20.19 4.11 20.27
CA LYS A 528 18.89 4.22 20.91
C LYS A 528 19.00 4.67 22.36
N VAL A 529 18.37 5.81 22.66
CA VAL A 529 18.42 6.44 23.99
C VAL A 529 17.18 6.05 24.81
N GLN A 530 17.36 5.66 26.06
CA GLN A 530 16.25 5.33 26.96
C GLN A 530 15.27 6.50 27.04
N GLY A 531 13.98 6.21 26.85
CA GLY A 531 12.93 7.22 26.95
C GLY A 531 12.58 7.94 25.66
N MET A 532 13.36 7.74 24.60
CA MET A 532 13.07 8.33 23.30
C MET A 532 12.46 7.25 22.39
N ILE A 533 11.36 7.63 21.73
CA ILE A 533 10.68 6.73 20.83
C ILE A 533 11.57 6.57 19.58
N PRO A 534 11.64 5.34 19.03
CA PRO A 534 12.44 5.12 17.85
C PRO A 534 11.76 5.70 16.63
N HIS A 535 12.57 6.07 15.66
CA HIS A 535 12.10 6.46 14.34
C HIS A 535 11.35 5.34 13.58
N ASP A 536 11.85 4.10 13.70
CA ASP A 536 11.31 2.96 12.98
C ASP A 536 11.65 1.68 13.71
N LEU A 537 11.07 0.58 13.24
CA LEU A 537 11.21 -0.74 13.85
C LEU A 537 12.12 -1.64 13.02
N GLY A 538 13.08 -1.02 12.30
CA GLY A 538 14.09 -1.72 11.54
C GLY A 538 13.84 -1.76 10.04
N SER A 539 14.70 -2.50 9.34
CA SER A 539 14.65 -2.61 7.90
C SER A 539 14.55 -4.06 7.46
N SER A 540 13.90 -4.31 6.33
CA SER A 540 13.90 -5.65 5.75
C SER A 540 15.31 -6.17 5.37
N TYR A 541 16.26 -5.26 5.21
CA TYR A 541 17.64 -5.65 4.92
C TYR A 541 18.39 -6.08 6.17
N ALA A 542 17.78 -5.85 7.33
CA ALA A 542 18.41 -6.14 8.61
C ALA A 542 17.44 -7.00 9.47
N LEU A 543 16.98 -6.52 10.62
CA LEU A 543 16.16 -7.32 11.51
C LEU A 543 14.93 -6.55 12.00
N PRO A 544 13.88 -6.55 11.16
CA PRO A 544 12.59 -5.98 11.61
C PRO A 544 12.15 -6.45 13.00
N TRP A 545 11.69 -5.49 13.80
CA TRP A 545 11.16 -5.66 15.14
C TRP A 545 12.27 -5.90 16.18
N ILE A 546 13.47 -6.25 15.74
CA ILE A 546 14.55 -6.68 16.65
C ILE A 546 15.58 -5.57 16.73
N LYS A 547 16.05 -5.07 15.60
CA LYS A 547 16.98 -3.96 15.58
C LYS A 547 16.26 -2.74 15.02
N ILE A 548 15.96 -1.82 15.94
CA ILE A 548 15.16 -0.65 15.64
C ILE A 548 16.09 0.47 15.23
N ASN A 549 15.50 1.57 14.75
CA ASN A 549 16.27 2.77 14.30
C ASN A 549 17.27 2.43 13.18
N ALA A 550 16.77 1.74 12.14
CA ALA A 550 17.57 1.53 10.95
C ALA A 550 17.93 2.85 10.28
N TYR A 551 17.06 3.84 10.38
CA TYR A 551 17.31 5.17 9.83
C TYR A 551 18.53 5.85 10.44
N ASP A 552 19.33 6.48 9.59
CA ASP A 552 20.56 7.15 10.06
C ASP A 552 20.86 8.52 9.42
N TRP A 553 19.98 9.06 8.58
CA TRP A 553 20.23 10.37 7.96
C TRP A 553 20.36 11.50 9.01
N GLN A 554 19.51 11.42 10.03
CA GLN A 554 19.56 12.24 11.20
C GLN A 554 19.55 11.32 12.40
N ASN A 555 19.79 11.89 13.57
CA ASN A 555 19.72 11.15 14.82
C ASN A 555 18.30 11.28 15.40
N PRO A 556 17.48 10.19 15.34
CA PRO A 556 16.08 10.35 15.81
C PRO A 556 15.93 10.48 17.32
N ASN A 557 16.98 10.15 18.08
CA ASN A 557 16.95 10.29 19.54
C ASN A 557 16.87 11.74 20.07
N ILE A 558 17.10 12.72 19.20
CA ILE A 558 16.94 14.13 19.52
C ILE A 558 15.80 14.77 18.70
N TRP A 559 14.95 13.94 18.08
CA TRP A 559 13.78 14.49 17.39
C TRP A 559 12.75 15.04 18.36
N LYS A 560 12.11 16.12 17.95
CA LYS A 560 11.18 16.86 18.79
C LYS A 560 9.72 16.53 18.48
N ASP A 561 9.47 15.73 17.43
CA ASP A 561 8.09 15.28 17.10
C ASP A 561 7.74 13.83 17.50
N LEU A 562 8.72 12.94 17.56
CA LEU A 562 8.42 11.51 17.68
C LEU A 562 7.73 11.18 18.99
N ASN A 563 8.24 11.71 20.11
CA ASN A 563 7.62 11.41 21.40
C ASN A 563 6.19 11.93 21.52
N SER A 564 5.93 13.14 21.03
CA SER A 564 4.56 13.67 21.04
C SER A 564 3.64 12.95 20.06
N LYS A 565 4.14 12.65 18.87
CA LYS A 565 3.35 11.91 17.86
C LYS A 565 2.99 10.53 18.40
N TYR A 566 3.90 9.93 19.17
CA TYR A 566 3.62 8.63 19.80
C TYR A 566 2.44 8.71 20.76
N VAL A 567 2.47 9.72 21.63
CA VAL A 567 1.37 9.91 22.59
C VAL A 567 0.05 10.16 21.84
N LEU A 568 0.13 11.01 20.83
CA LEU A 568 -1.08 11.31 20.01
C LEU A 568 -1.67 10.10 19.31
N LEU A 569 -0.79 9.21 18.82
CA LEU A 569 -1.18 7.93 18.21
C LEU A 569 -1.89 7.01 19.20
N VAL A 570 -1.33 6.91 20.41
CA VAL A 570 -1.94 6.09 21.46
C VAL A 570 -3.37 6.56 21.75
N TYR A 571 -3.51 7.86 22.00
CA TYR A 571 -4.82 8.39 22.35
C TYR A 571 -5.78 8.34 21.15
N ARG A 572 -5.32 8.66 19.94
CA ARG A 572 -6.11 8.40 18.75
C ARG A 572 -6.69 6.99 18.72
N ASP A 573 -5.83 6.02 18.97
CA ASP A 573 -6.24 4.62 18.87
C ASP A 573 -7.28 4.20 19.92
N TYR A 574 -7.21 4.83 21.09
CA TYR A 574 -8.28 4.70 22.09
C TYR A 574 -9.58 5.36 21.63
N VAL A 575 -9.49 6.59 21.17
CA VAL A 575 -10.69 7.36 20.76
C VAL A 575 -11.42 6.76 19.57
N LEU A 576 -10.66 6.43 18.52
CA LEU A 576 -11.25 5.93 17.28
C LEU A 576 -11.68 4.47 17.32
N THR A 577 -11.45 3.78 18.42
CA THR A 577 -12.01 2.46 18.63
C THR A 577 -13.08 2.43 19.76
N GLY A 578 -13.70 3.58 20.04
CA GLY A 578 -14.86 3.64 20.91
C GLY A 578 -14.68 4.14 22.31
N LYS A 579 -13.46 4.60 22.67
CA LYS A 579 -13.14 4.98 24.07
C LYS A 579 -13.47 3.89 25.07
N THR A 580 -13.21 2.64 24.73
CA THR A 580 -13.49 1.50 25.61
C THR A 580 -12.26 0.71 26.00
N ASP A 581 -11.15 0.84 25.26
CA ASP A 581 -9.99 -0.03 25.49
C ASP A 581 -9.07 0.54 26.56
N LYS A 582 -9.55 0.44 27.81
N LYS A 582 -9.53 0.45 27.82
CA LYS A 582 -8.76 0.83 28.98
CA LYS A 582 -8.70 0.89 28.93
C LYS A 582 -7.48 0.03 29.10
C LYS A 582 -7.46 0.01 29.12
N GLU A 583 -7.57 -1.29 28.83
CA GLU A 583 -6.37 -2.16 28.85
C GLU A 583 -5.21 -1.64 27.93
N PHE A 584 -5.55 -1.16 26.74
CA PHE A 584 -4.59 -0.54 25.79
C PHE A 584 -3.97 0.76 26.39
N LEU A 585 -4.79 1.63 26.99
CA LEU A 585 -4.24 2.77 27.73
C LEU A 585 -3.35 2.33 28.87
N LYS A 586 -3.78 1.32 29.64
CA LYS A 586 -2.93 0.85 30.73
C LYS A 586 -1.59 0.30 30.26
N TYR A 587 -1.60 -0.52 29.21
CA TYR A 587 -0.37 -1.09 28.63
C TYR A 587 0.63 -0.01 28.26
N THR A 588 0.16 1.09 27.66
CA THR A 588 1.01 2.16 27.09
C THR A 588 1.30 3.35 28.03
N TRP A 589 0.63 3.38 29.17
CA TRP A 589 0.68 4.61 30.01
C TRP A 589 2.05 4.99 30.50
N LYS A 590 2.79 4.03 31.03
CA LYS A 590 4.16 4.33 31.45
C LYS A 590 5.01 4.92 30.34
N SER A 591 4.89 4.37 29.12
CA SER A 591 5.64 4.89 28.00
C SER A 591 5.20 6.29 27.60
N VAL A 592 3.91 6.59 27.73
CA VAL A 592 3.36 7.91 27.42
C VAL A 592 3.97 8.97 28.34
N LYS A 593 3.96 8.67 29.65
CA LYS A 593 4.56 9.59 30.64
C LYS A 593 6.04 9.77 30.42
N THR A 594 6.75 8.67 30.18
CA THR A 594 8.18 8.76 29.87
C THR A 594 8.47 9.61 28.64
N ALA A 595 7.71 9.36 27.58
CA ALA A 595 7.91 10.12 26.35
C ALA A 595 7.77 11.63 26.57
N LEU A 596 6.72 12.06 27.28
CA LEU A 596 6.50 13.52 27.46
C LEU A 596 7.54 14.07 28.42
N ASP A 597 7.84 13.29 29.46
CA ASP A 597 8.86 13.71 30.44
C ASP A 597 10.24 13.92 29.82
N LYS A 598 10.67 13.03 28.93
CA LYS A 598 11.94 13.22 28.23
C LYS A 598 11.95 14.40 27.29
N LEU A 599 10.86 14.57 26.58
CA LEU A 599 10.74 15.71 25.69
C LEU A 599 10.75 17.06 26.46
N LYS A 600 10.14 17.09 27.64
CA LYS A 600 10.17 18.31 28.47
C LYS A 600 11.61 18.79 28.77
N GLU A 601 12.53 17.86 28.93
CA GLU A 601 13.94 18.18 29.21
C GLU A 601 14.63 18.89 28.06
N MET A 602 14.02 18.90 26.87
CA MET A 602 14.59 19.56 25.70
C MET A 602 14.14 21.01 25.58
N ASP A 603 13.38 21.48 26.55
CA ASP A 603 13.09 22.90 26.69
C ASP A 603 14.34 23.63 27.21
N LYS A 604 15.06 24.31 26.33
CA LYS A 604 16.31 24.97 26.72
C LYS A 604 16.13 26.37 27.30
N ASP A 605 15.01 27.04 27.05
CA ASP A 605 14.80 28.42 27.53
C ASP A 605 13.65 28.58 28.53
N ASN A 606 13.20 27.48 29.13
CA ASN A 606 12.14 27.47 30.13
C ASN A 606 10.82 28.18 29.71
N ASP A 607 10.44 28.07 28.43
CA ASP A 607 9.09 28.56 27.99
C ASP A 607 8.04 27.44 28.04
N GLY A 608 8.45 26.25 28.50
CA GLY A 608 7.59 25.07 28.66
C GLY A 608 7.42 24.22 27.40
N ILE A 609 8.20 24.51 26.36
CA ILE A 609 8.08 23.87 25.04
C ILE A 609 9.46 23.35 24.64
N PRO A 610 9.55 22.12 24.14
CA PRO A 610 10.87 21.70 23.62
C PRO A 610 11.41 22.63 22.53
N ASP A 611 12.70 22.89 22.54
CA ASP A 611 13.33 23.72 21.50
C ASP A 611 13.89 22.90 20.34
N ASN A 612 13.48 23.27 19.13
CA ASN A 612 14.14 22.75 17.94
C ASN A 612 15.55 23.38 17.92
N GLU A 613 16.52 22.60 17.44
CA GLU A 613 17.95 22.93 17.67
C GLU A 613 18.68 23.53 16.48
N GLY A 614 17.94 24.12 15.54
CA GLY A 614 18.56 24.73 14.35
C GLY A 614 19.08 23.69 13.40
N ILE A 615 18.49 22.50 13.48
CA ILE A 615 18.79 21.38 12.62
C ILE A 615 17.46 20.71 12.23
N PRO A 616 17.49 19.81 11.24
CA PRO A 616 16.25 19.10 10.96
C PRO A 616 15.99 17.99 11.99
N ASP A 617 15.36 18.34 13.10
CA ASP A 617 15.18 17.39 14.20
C ASP A 617 13.70 16.96 14.32
N GLN A 618 13.16 16.52 13.18
CA GLN A 618 11.77 16.11 13.05
C GLN A 618 11.56 15.65 11.60
N THR A 619 10.33 15.22 11.28
CA THR A 619 9.99 14.54 10.00
C THR A 619 10.43 15.24 8.72
N TYR A 620 10.46 16.56 8.73
CA TYR A 620 11.02 17.33 7.64
C TYR A 620 12.52 17.32 7.83
N ASP A 621 13.12 16.20 7.44
CA ASP A 621 14.46 15.85 7.92
C ASP A 621 15.61 16.52 7.13
N THR A 622 15.30 17.45 6.22
CA THR A 622 16.32 18.43 5.75
C THR A 622 15.93 19.89 5.99
N TRP A 623 14.79 20.14 6.66
CA TRP A 623 14.23 21.48 6.87
C TRP A 623 14.43 21.88 8.32
N SER A 624 15.40 22.78 8.56
CA SER A 624 15.75 23.19 9.94
C SER A 624 14.67 23.99 10.64
N MET A 625 14.46 23.66 11.90
CA MET A 625 13.61 24.39 12.80
C MET A 625 14.51 24.81 13.99
N LYS A 626 14.22 25.98 14.55
CA LYS A 626 14.98 26.52 15.65
C LYS A 626 14.04 27.27 16.56
N GLY A 627 14.15 26.97 17.84
CA GLY A 627 13.36 27.59 18.87
C GLY A 627 12.08 26.84 19.06
N THR A 628 11.00 27.58 19.25
CA THR A 628 9.69 27.03 19.26
C THR A 628 9.16 27.02 17.83
N SER A 629 8.71 25.87 17.36
CA SER A 629 8.18 25.75 16.00
C SER A 629 6.67 25.57 16.10
N ALA A 630 5.95 26.03 15.09
CA ALA A 630 4.50 25.78 15.01
C ALA A 630 4.23 24.27 15.00
N TYR A 631 5.02 23.57 14.18
CA TYR A 631 4.84 22.14 13.97
C TYR A 631 5.04 21.34 15.26
N CYS A 632 6.24 21.39 15.83
CA CYS A 632 6.52 20.54 17.00
C CYS A 632 5.87 21.12 18.24
N GLY A 633 5.71 22.43 18.26
CA GLY A 633 5.09 23.11 19.36
C GLY A 633 3.62 22.75 19.45
N SER A 634 2.89 22.76 18.33
CA SER A 634 1.46 22.37 18.36
C SER A 634 1.26 20.91 18.71
N LEU A 635 2.13 20.07 18.18
CA LEU A 635 2.09 18.66 18.51
C LEU A 635 2.29 18.40 20.00
N TRP A 636 3.23 19.13 20.60
CA TRP A 636 3.46 19.05 22.04
C TRP A 636 2.22 19.45 22.86
N LEU A 637 1.60 20.57 22.49
CA LEU A 637 0.37 21.02 23.15
C LEU A 637 -0.69 19.96 23.10
N ALA A 638 -0.90 19.38 21.91
CA ALA A 638 -1.92 18.37 21.75
C ALA A 638 -1.61 17.14 22.55
N ALA A 639 -0.32 16.76 22.55
CA ALA A 639 0.10 15.58 23.27
C ALA A 639 -0.09 15.72 24.77
N LEU A 640 0.13 16.92 25.28
CA LEU A 640 -0.13 17.20 26.70
C LEU A 640 -1.60 17.11 27.03
N LYS A 641 -2.45 17.61 26.15
CA LYS A 641 -3.88 17.51 26.36
C LYS A 641 -4.34 16.05 26.33
N ALA A 642 -3.80 15.25 25.40
CA ALA A 642 -4.11 13.82 25.41
C ALA A 642 -3.68 13.11 26.68
N ALA A 643 -2.46 13.37 27.12
CA ALA A 643 -1.96 12.73 28.33
C ALA A 643 -2.80 13.11 29.56
N GLN A 644 -3.24 14.37 29.65
CA GLN A 644 -4.20 14.78 30.72
C GLN A 644 -5.43 13.92 30.72
N GLU A 645 -5.98 13.72 29.53
CA GLU A 645 -7.17 12.95 29.37
C GLU A 645 -6.97 11.48 29.72
N ILE A 646 -5.84 10.88 29.31
CA ILE A 646 -5.54 9.52 29.70
C ILE A 646 -5.42 9.44 31.24
N GLY A 647 -4.70 10.40 31.81
CA GLY A 647 -4.62 10.52 33.29
C GLY A 647 -5.98 10.44 33.98
N LYS A 648 -6.95 11.20 33.47
CA LYS A 648 -8.33 11.16 33.98
C LYS A 648 -8.97 9.81 33.83
N VAL A 649 -8.85 9.21 32.65
CA VAL A 649 -9.41 7.86 32.42
C VAL A 649 -8.79 6.83 33.36
N LEU A 650 -7.48 6.88 33.56
CA LEU A 650 -6.81 5.89 34.41
C LEU A 650 -6.80 6.28 35.91
N LYS A 651 -7.39 7.43 36.25
CA LYS A 651 -7.42 7.95 37.63
C LYS A 651 -6.02 8.15 38.20
N ASP A 652 -5.15 8.74 37.38
CA ASP A 652 -3.79 9.09 37.76
C ASP A 652 -3.83 10.58 37.93
N ASN A 653 -4.25 11.02 39.12
CA ASN A 653 -4.49 12.45 39.39
C ASN A 653 -3.23 13.30 39.24
N GLU A 654 -2.12 12.80 39.76
CA GLU A 654 -0.82 13.50 39.75
C GLU A 654 -0.38 13.81 38.30
N ALA A 655 -0.58 12.83 37.42
CA ALA A 655 -0.28 13.02 36.01
C ALA A 655 -1.20 14.03 35.37
N TYR A 656 -2.49 13.92 35.64
CA TYR A 656 -3.45 14.89 35.14
C TYR A 656 -2.98 16.32 35.50
N ILE A 657 -2.65 16.52 36.77
CA ILE A 657 -2.24 17.84 37.24
C ILE A 657 -0.95 18.33 36.62
N LYS A 658 0.05 17.46 36.57
CA LYS A 658 1.32 17.84 35.96
C LYS A 658 1.18 18.23 34.50
N TYR A 659 0.49 17.39 33.73
CA TYR A 659 0.40 17.68 32.29
C TYR A 659 -0.55 18.85 32.00
N ASN A 660 -1.55 19.04 32.84
CA ASN A 660 -2.40 20.25 32.78
C ASN A 660 -1.57 21.53 33.01
N GLU A 661 -0.70 21.56 34.01
CA GLU A 661 0.18 22.74 34.26
C GLU A 661 1.14 23.02 33.13
N TRP A 662 1.81 21.97 32.65
CA TRP A 662 2.68 22.05 31.48
C TRP A 662 1.93 22.62 30.28
N TYR A 663 0.75 22.08 30.02
CA TYR A 663 -0.08 22.53 28.92
C TYR A 663 -0.43 24.03 29.01
N LYS A 664 -0.90 24.47 30.16
CA LYS A 664 -1.35 25.85 30.30
C LYS A 664 -0.18 26.82 30.06
N ILE A 665 1.01 26.49 30.59
CA ILE A 665 2.19 27.33 30.38
C ILE A 665 2.60 27.32 28.90
N ALA A 666 2.73 26.11 28.33
CA ALA A 666 3.14 26.00 26.93
C ALA A 666 2.16 26.67 25.97
N GLN A 667 0.87 26.48 26.20
CA GLN A 667 -0.15 27.06 25.31
C GLN A 667 -0.07 28.59 25.25
N GLN A 668 0.07 29.19 26.43
CA GLN A 668 0.18 30.64 26.55
C GLN A 668 1.41 31.14 25.82
N ASN A 669 2.54 30.47 26.04
CA ASN A 669 3.77 30.88 25.40
C ASN A 669 3.80 30.61 23.89
N PHE A 670 3.22 29.50 23.46
CA PHE A 670 3.09 29.19 22.03
C PHE A 670 2.39 30.34 21.29
N GLU A 671 1.23 30.72 21.79
CA GLU A 671 0.42 31.78 21.21
C GLU A 671 1.20 33.10 21.15
N LYS A 672 1.83 33.50 22.25
CA LYS A 672 2.60 34.76 22.25
C LYS A 672 3.74 34.75 21.28
N GLU A 673 4.47 33.64 21.26
CA GLU A 673 5.67 33.54 20.43
C GLU A 673 5.40 33.48 18.93
N LEU A 674 4.30 32.84 18.54
CA LEU A 674 4.06 32.49 17.13
C LEU A 674 2.89 33.13 16.42
N TRP A 675 1.81 33.48 17.14
CA TRP A 675 0.68 34.13 16.49
C TRP A 675 1.08 35.53 15.98
N ASN A 676 0.93 35.75 14.67
CA ASN A 676 1.33 37.02 14.04
C ASN A 676 0.17 37.88 13.50
N GLY A 677 -1.07 37.52 13.83
CA GLY A 677 -2.26 38.23 13.36
C GLY A 677 -2.99 37.57 12.19
N GLU A 678 -2.27 36.79 11.38
CA GLU A 678 -2.81 36.09 10.21
C GLU A 678 -2.63 34.54 10.25
N TYR A 679 -1.48 34.11 10.73
CA TYR A 679 -1.18 32.69 10.88
C TYR A 679 -0.14 32.52 11.97
N TYR A 680 0.29 31.27 12.19
CA TYR A 680 1.35 30.97 13.15
C TYR A 680 2.68 30.89 12.44
N ASN A 681 3.66 31.65 12.90
CA ASN A 681 4.99 31.60 12.29
C ASN A 681 5.62 30.18 12.31
N PHE A 682 6.42 29.89 11.28
CA PHE A 682 7.12 28.62 11.15
C PHE A 682 7.88 28.29 12.43
N ASP A 683 8.68 29.24 12.91
CA ASP A 683 9.31 29.10 14.23
C ASP A 683 9.73 30.45 14.81
N THR A 684 10.42 30.44 15.95
CA THR A 684 10.90 31.69 16.57
C THR A 684 12.30 32.18 16.16
N GLU A 685 13.14 31.32 15.60
CA GLU A 685 14.58 31.64 15.43
C GLU A 685 15.22 31.40 14.08
N SER A 686 14.53 30.77 13.11
CA SER A 686 15.13 30.50 11.79
C SER A 686 15.22 31.75 10.94
N ASP A 687 16.00 31.65 9.89
CA ASP A 687 16.21 32.76 8.97
C ASP A 687 14.92 33.19 8.27
N HIS A 688 14.07 32.22 7.90
CA HIS A 688 12.72 32.51 7.35
C HIS A 688 11.64 32.05 8.31
N LYS A 689 11.72 32.55 9.54
CA LYS A 689 10.82 32.16 10.60
C LYS A 689 9.34 32.51 10.36
N ASP A 690 9.09 33.52 9.51
CA ASP A 690 7.74 33.90 9.14
C ASP A 690 7.19 33.22 7.88
N SER A 691 7.83 32.16 7.42
CA SER A 691 7.22 31.35 6.36
C SER A 691 5.89 30.74 6.86
N ILE A 692 4.98 30.56 5.91
CA ILE A 692 3.68 29.96 6.14
C ILE A 692 3.88 28.48 5.88
N MET A 693 3.74 27.67 6.92
CA MET A 693 3.93 26.23 6.79
C MET A 693 2.58 25.54 6.63
N ALA A 694 2.48 24.62 5.66
CA ALA A 694 1.18 23.96 5.45
C ALA A 694 0.77 23.15 6.67
N ASP A 695 1.75 22.58 7.37
CA ASP A 695 1.51 21.70 8.51
C ASP A 695 1.64 22.43 9.85
N GLN A 696 1.66 23.76 9.83
CA GLN A 696 1.90 24.56 11.04
C GLN A 696 1.07 24.17 12.25
N LEU A 697 -0.20 23.73 12.06
CA LEU A 697 -1.06 23.33 13.18
C LEU A 697 -1.41 21.87 13.23
N ALA A 698 -0.44 21.02 12.92
CA ALA A 698 -0.68 19.55 12.95
C ALA A 698 -1.22 19.06 14.30
N GLY A 699 -0.76 19.69 15.39
CA GLY A 699 -1.30 19.38 16.69
C GLY A 699 -2.79 19.62 16.85
N GLN A 700 -3.25 20.73 16.33
CA GLN A 700 -4.69 21.04 16.39
C GLN A 700 -5.53 20.14 15.47
N TRP A 701 -4.96 19.73 14.33
CA TRP A 701 -5.57 18.70 13.48
C TRP A 701 -5.86 17.45 14.26
N TYR A 702 -4.84 16.91 14.95
CA TYR A 702 -5.03 15.68 15.72
C TYR A 702 -5.96 15.92 16.90
N ALA A 703 -5.87 17.08 17.52
CA ALA A 703 -6.81 17.43 18.61
C ALA A 703 -8.29 17.37 18.15
N ASP A 704 -8.57 17.84 16.95
CA ASP A 704 -9.93 17.75 16.37
C ASP A 704 -10.37 16.27 16.24
N ILE A 705 -9.47 15.44 15.74
CA ILE A 705 -9.76 14.02 15.56
C ILE A 705 -9.99 13.32 16.89
N LEU A 706 -9.15 13.68 17.87
CA LEU A 706 -9.17 13.08 19.21
C LEU A 706 -10.26 13.69 20.12
N ARG A 707 -11.01 14.67 19.61
CA ARG A 707 -12.08 15.35 20.37
C ARG A 707 -11.55 16.00 21.67
N LEU A 708 -10.35 16.60 21.55
CA LEU A 708 -9.66 17.28 22.66
C LEU A 708 -9.95 18.79 22.73
N GLY A 709 -10.76 19.28 21.79
CA GLY A 709 -11.13 20.68 21.74
C GLY A 709 -10.06 21.62 21.23
N ASP A 710 -10.17 22.87 21.65
CA ASP A 710 -9.31 23.90 21.16
C ASP A 710 -8.00 23.82 21.90
N ILE A 711 -6.90 23.75 21.17
CA ILE A 711 -5.61 24.00 21.79
C ILE A 711 -5.18 25.44 21.50
N LEU A 712 -5.77 26.03 20.45
CA LEU A 712 -5.54 27.40 20.07
C LEU A 712 -6.89 28.02 19.78
N PRO A 713 -6.99 29.36 19.79
CA PRO A 713 -8.30 29.98 19.58
C PRO A 713 -8.90 29.67 18.21
N LYS A 714 -10.17 29.31 18.20
CA LYS A 714 -10.90 28.98 16.97
C LYS A 714 -10.69 29.97 15.83
N ASP A 715 -10.82 31.25 16.14
CA ASP A 715 -10.66 32.32 15.18
C ASP A 715 -9.26 32.29 14.55
N HIS A 716 -8.22 32.12 15.36
CA HIS A 716 -6.83 32.08 14.87
C HIS A 716 -6.58 30.83 14.01
N VAL A 717 -7.13 29.68 14.41
CA VAL A 717 -6.98 28.44 13.57
C VAL A 717 -7.63 28.64 12.19
N GLN A 718 -8.82 29.21 12.20
CA GLN A 718 -9.56 29.47 10.96
C GLN A 718 -8.76 30.39 10.05
N LYS A 719 -8.19 31.45 10.63
CA LYS A 719 -7.39 32.39 9.85
C LYS A 719 -6.17 31.71 9.29
N ALA A 720 -5.54 30.86 10.10
CA ALA A 720 -4.34 30.13 9.63
C ALA A 720 -4.66 29.23 8.44
N LEU A 721 -5.71 28.41 8.58
CA LEU A 721 -6.14 27.51 7.48
C LEU A 721 -6.49 28.25 6.20
N LYS A 722 -7.19 29.38 6.33
CA LYS A 722 -7.51 30.22 5.17
C LYS A 722 -6.27 30.76 4.50
N LYS A 723 -5.28 31.17 5.29
CA LYS A 723 -3.98 31.65 4.76
C LYS A 723 -3.28 30.52 4.01
N ILE A 724 -3.27 29.31 4.60
CA ILE A 724 -2.62 28.14 3.98
C ILE A 724 -3.29 27.85 2.62
N TYR A 725 -4.62 27.85 2.60
CA TYR A 725 -5.37 27.65 1.34
C TYR A 725 -5.04 28.75 0.29
N GLU A 726 -5.07 29.99 0.75
CA GLU A 726 -4.85 31.14 -0.12
C GLU A 726 -3.44 31.16 -0.70
N PHE A 727 -2.46 30.73 0.09
CA PHE A 727 -1.05 30.80 -0.27
C PHE A 727 -0.51 29.43 -0.71
N ASN A 728 -0.29 28.55 0.22
CA ASN A 728 0.39 27.26 -0.07
C ASN A 728 -0.33 26.42 -1.12
N VAL A 729 -1.65 26.56 -1.21
CA VAL A 729 -2.40 25.86 -2.25
C VAL A 729 -2.57 26.78 -3.46
N MET A 730 -3.33 27.86 -3.31
CA MET A 730 -3.81 28.62 -4.48
C MET A 730 -2.74 29.43 -5.18
N LYS A 731 -1.64 29.74 -4.53
CA LYS A 731 -0.50 30.41 -5.18
C LYS A 731 0.57 29.42 -5.65
N PHE A 732 0.26 28.11 -5.54
CA PHE A 732 1.21 27.10 -6.02
C PHE A 732 0.54 26.38 -7.19
N GLU A 733 0.95 26.72 -8.40
CA GLU A 733 0.44 26.13 -9.63
C GLU A 733 -1.08 26.14 -9.64
N ASN A 734 -1.63 27.30 -9.29
CA ASN A 734 -3.08 27.56 -9.30
C ASN A 734 -3.91 26.54 -8.50
N GLY A 735 -3.33 26.04 -7.42
CA GLY A 735 -4.04 25.08 -6.55
C GLY A 735 -4.36 23.73 -7.16
N LYS A 736 -3.65 23.34 -8.23
CA LYS A 736 -3.90 22.10 -8.96
C LYS A 736 -3.00 20.95 -8.57
N MET A 737 -2.14 21.14 -7.55
CA MET A 737 -1.11 20.14 -7.20
C MET A 737 -0.94 19.87 -5.72
N GLY A 738 -1.88 20.31 -4.89
CA GLY A 738 -1.75 20.15 -3.44
C GLY A 738 -1.19 21.37 -2.75
N ALA A 739 -0.77 21.19 -1.49
CA ALA A 739 -0.26 22.28 -0.68
C ALA A 739 1.26 22.22 -0.63
N VAL A 740 1.94 23.23 -1.14
CA VAL A 740 3.40 23.28 -1.02
C VAL A 740 3.73 23.51 0.46
N ASN A 741 4.82 22.92 0.94
CA ASN A 741 5.11 22.95 2.38
C ASN A 741 5.40 24.34 2.96
N GLY A 742 6.19 25.13 2.24
CA GLY A 742 6.62 26.45 2.77
C GLY A 742 6.39 27.55 1.78
N MET A 743 5.66 28.58 2.21
CA MET A 743 5.50 29.76 1.38
C MET A 743 5.92 31.04 2.13
N ARG A 744 6.61 31.93 1.42
CA ARG A 744 6.98 33.23 1.99
C ARG A 744 5.73 34.13 2.05
N PRO A 745 5.63 35.06 3.02
CA PRO A 745 4.45 35.97 3.07
C PRO A 745 4.15 36.81 1.82
N ASP A 746 5.16 37.06 0.98
CA ASP A 746 4.97 37.71 -0.30
C ASP A 746 4.38 36.80 -1.38
N GLY A 747 4.02 35.55 -1.05
CA GLY A 747 3.39 34.66 -2.00
C GLY A 747 4.30 33.90 -2.92
N ILE A 748 5.59 33.82 -2.58
CA ILE A 748 6.59 33.11 -3.34
C ILE A 748 7.01 31.90 -2.52
N VAL A 749 7.23 30.78 -3.20
CA VAL A 749 7.62 29.55 -2.51
C VAL A 749 8.95 29.75 -1.77
N ASP A 750 9.00 29.26 -0.54
CA ASP A 750 10.21 29.30 0.30
C ASP A 750 11.24 28.35 -0.29
N GLU A 751 12.39 28.92 -0.71
CA GLU A 751 13.49 28.17 -1.32
C GLU A 751 14.62 27.78 -0.35
N SER A 752 14.41 27.92 0.94
CA SER A 752 15.48 27.63 1.91
C SER A 752 15.88 26.16 1.95
N ASP A 753 14.97 25.26 1.61
CA ASP A 753 15.29 23.83 1.52
C ASP A 753 14.39 23.16 0.51
N ILE A 754 14.86 22.09 -0.10
CA ILE A 754 14.02 21.34 -1.05
C ILE A 754 12.66 20.94 -0.45
N GLN A 755 12.62 20.59 0.82
CA GLN A 755 11.35 20.19 1.46
C GLN A 755 10.31 21.29 1.52
N ALA A 756 10.77 22.53 1.67
CA ALA A 756 9.88 23.71 1.64
C ALA A 756 9.18 23.88 0.30
N GLN A 757 9.84 23.45 -0.78
CA GLN A 757 9.40 23.56 -2.17
C GLN A 757 8.65 22.34 -2.68
N GLU A 758 8.43 21.38 -1.79
CA GLU A 758 7.71 20.15 -2.10
C GLU A 758 6.29 20.20 -1.58
N VAL A 759 5.38 19.61 -2.35
CA VAL A 759 4.10 19.14 -1.83
C VAL A 759 4.34 17.75 -1.28
N TRP A 760 3.90 17.49 -0.05
CA TRP A 760 3.88 16.16 0.53
C TRP A 760 2.44 15.66 0.47
N THR A 761 2.24 14.62 -0.31
CA THR A 761 0.90 14.09 -0.56
C THR A 761 0.14 13.79 0.72
N GLY A 762 0.80 13.18 1.71
CA GLY A 762 0.16 12.82 2.97
C GLY A 762 -0.12 14.01 3.90
N VAL A 763 0.73 15.03 3.84
CA VAL A 763 0.50 16.28 4.56
C VAL A 763 -0.73 16.97 3.96
N THR A 764 -0.82 16.94 2.63
CA THR A 764 -1.90 17.62 1.94
C THR A 764 -3.24 16.94 2.23
N TYR A 765 -3.30 15.60 2.18
CA TYR A 765 -4.58 14.96 2.52
C TYR A 765 -4.95 15.20 4.00
N ALA A 766 -3.97 15.20 4.90
CA ALA A 766 -4.24 15.47 6.30
C ALA A 766 -4.78 16.91 6.53
N LEU A 767 -4.19 17.85 5.80
CA LEU A 767 -4.62 19.23 5.81
C LEU A 767 -6.05 19.34 5.30
N ALA A 768 -6.36 18.60 4.24
CA ALA A 768 -7.72 18.53 3.73
C ALA A 768 -8.70 18.03 4.82
N SER A 769 -8.30 16.97 5.55
CA SER A 769 -9.05 16.51 6.70
C SER A 769 -9.29 17.63 7.72
N PHE A 770 -8.23 18.35 8.06
CA PHE A 770 -8.30 19.44 9.06
C PHE A 770 -9.31 20.50 8.59
N MET A 771 -9.19 20.89 7.34
CA MET A 771 -10.11 21.88 6.74
C MET A 771 -11.56 21.40 6.80
N LYS A 772 -11.75 20.13 6.46
CA LYS A 772 -13.08 19.54 6.52
C LYS A 772 -13.70 19.55 7.93
N TYR A 773 -12.93 19.15 8.95
CA TYR A 773 -13.31 19.25 10.38
C TYR A 773 -13.70 20.67 10.77
N ARG A 774 -13.01 21.67 10.21
CA ARG A 774 -13.24 23.07 10.53
C ARG A 774 -14.29 23.77 9.64
N GLY A 775 -15.04 22.98 8.87
CA GLY A 775 -16.13 23.49 8.04
C GLY A 775 -15.72 24.18 6.78
N MET A 776 -14.45 24.05 6.38
CA MET A 776 -13.96 24.62 5.15
C MET A 776 -14.06 23.54 4.07
N THR A 777 -15.29 23.20 3.69
CA THR A 777 -15.54 22.02 2.85
C THR A 777 -14.98 22.19 1.46
N GLU A 778 -15.28 23.32 0.82
CA GLU A 778 -14.76 23.54 -0.53
C GLU A 778 -13.22 23.59 -0.51
N GLU A 779 -12.64 24.25 0.49
CA GLU A 779 -11.16 24.36 0.53
C GLU A 779 -10.55 22.98 0.73
N ALA A 780 -11.19 22.19 1.58
CA ALA A 780 -10.72 20.83 1.87
C ALA A 780 -10.63 19.98 0.60
N TYR A 781 -11.75 19.90 -0.13
CA TYR A 781 -11.77 19.08 -1.34
C TYR A 781 -10.93 19.64 -2.47
N ASN A 782 -10.86 20.96 -2.63
CA ASN A 782 -10.02 21.56 -3.64
C ASN A 782 -8.53 21.27 -3.35
N THR A 783 -8.18 21.27 -2.07
CA THR A 783 -6.81 21.00 -1.62
C THR A 783 -6.47 19.53 -1.96
N ALA A 784 -7.35 18.62 -1.57
CA ALA A 784 -7.15 17.17 -1.87
C ALA A 784 -7.17 16.89 -3.36
N TYR A 785 -7.98 17.63 -4.12
CA TYR A 785 -8.16 17.36 -5.52
C TYR A 785 -6.86 17.39 -6.30
N GLY A 786 -5.98 18.34 -6.02
CA GLY A 786 -4.72 18.42 -6.71
C GLY A 786 -3.84 17.17 -6.53
N VAL A 787 -3.97 16.52 -5.39
CA VAL A 787 -3.24 15.25 -5.14
C VAL A 787 -3.85 14.12 -5.98
N TYR A 788 -5.17 14.03 -5.99
CA TYR A 788 -5.89 13.08 -6.83
C TYR A 788 -5.51 13.29 -8.31
N LYS A 789 -5.50 14.55 -8.74
CA LYS A 789 -5.26 14.91 -10.12
C LYS A 789 -3.88 14.48 -10.57
N MET A 790 -2.89 14.86 -9.78
CA MET A 790 -1.51 14.49 -10.03
C MET A 790 -1.27 12.98 -10.05
N THR A 791 -1.98 12.26 -9.18
CA THR A 791 -1.81 10.82 -9.08
C THR A 791 -2.50 10.05 -10.18
N TYR A 792 -3.77 10.38 -10.45
CA TYR A 792 -4.67 9.51 -11.23
C TYR A 792 -5.10 10.01 -12.58
N ASP A 793 -5.12 11.34 -12.75
CA ASP A 793 -5.78 11.94 -13.91
C ASP A 793 -4.88 11.95 -15.12
N LYS A 794 -5.48 11.97 -16.32
CA LYS A 794 -4.73 12.10 -17.56
C LYS A 794 -3.81 13.33 -17.60
N SER A 795 -4.23 14.42 -16.96
CA SER A 795 -3.41 15.65 -16.87
C SER A 795 -2.33 15.62 -15.77
N GLY A 796 -2.23 14.51 -15.01
CA GLY A 796 -1.25 14.36 -13.94
C GLY A 796 0.05 13.76 -14.39
N LYS A 797 0.76 13.11 -13.44
CA LYS A 797 2.12 12.62 -13.67
C LYS A 797 2.31 11.11 -13.62
N GLY A 798 1.20 10.40 -13.55
CA GLY A 798 1.19 8.94 -13.74
C GLY A 798 1.68 8.16 -12.52
N TYR A 799 1.16 8.51 -11.35
CA TYR A 799 1.63 7.89 -10.10
C TYR A 799 0.65 6.88 -9.49
N TRP A 800 -0.36 6.47 -10.26
CA TRP A 800 -1.34 5.50 -9.77
C TRP A 800 -0.66 4.22 -9.28
N PHE A 801 -1.09 3.79 -8.09
CA PHE A 801 -0.58 2.60 -7.41
C PHE A 801 0.89 2.70 -7.09
N ARG A 802 1.38 3.95 -6.99
CA ARG A 802 2.72 4.21 -6.50
C ARG A 802 2.83 5.63 -5.97
N THR A 803 1.79 6.06 -5.25
CA THR A 803 1.72 7.47 -4.77
C THR A 803 2.98 7.83 -4.03
N PRO A 804 3.66 8.90 -4.45
CA PRO A 804 4.92 9.22 -3.81
C PRO A 804 4.78 10.08 -2.54
N GLU A 805 5.88 10.22 -1.80
CA GLU A 805 5.97 11.20 -0.71
C GLU A 805 5.69 12.62 -1.24
N ALA A 806 6.41 12.98 -2.32
CA ALA A 806 6.53 14.38 -2.70
C ALA A 806 6.61 14.61 -4.16
N TRP A 807 6.20 15.81 -4.55
CA TRP A 807 6.60 16.33 -5.84
C TRP A 807 6.89 17.81 -5.70
N THR A 808 7.66 18.31 -6.66
CA THR A 808 8.00 19.72 -6.79
C THR A 808 7.07 20.33 -7.83
N LYS A 809 7.21 21.62 -8.11
CA LYS A 809 6.23 22.27 -9.00
C LYS A 809 6.20 21.75 -10.42
N ASP A 810 7.31 21.19 -10.90
CA ASP A 810 7.33 20.56 -12.20
C ASP A 810 6.71 19.17 -12.23
N GLY A 811 6.23 18.68 -11.08
CA GLY A 811 5.51 17.40 -11.04
C GLY A 811 6.40 16.18 -10.80
N ASN A 812 7.72 16.36 -10.87
CA ASN A 812 8.63 15.25 -10.62
C ASN A 812 8.65 14.88 -9.15
N TYR A 813 8.92 13.60 -8.85
CA TYR A 813 8.60 13.05 -7.54
C TYR A 813 9.78 12.61 -6.73
N LYS A 814 9.54 12.41 -5.43
N LYS A 814 9.54 12.37 -5.46
CA LYS A 814 10.44 11.75 -4.48
CA LYS A 814 10.48 11.70 -4.59
C LYS A 814 9.70 10.59 -3.81
C LYS A 814 9.77 10.63 -3.77
N ALA A 815 10.32 9.41 -3.85
CA ALA A 815 9.90 8.23 -3.11
C ALA A 815 8.51 7.74 -3.44
N SER A 816 8.40 7.09 -4.59
CA SER A 816 7.15 6.44 -5.02
C SER A 816 6.85 5.27 -4.06
N MET A 817 5.58 4.88 -4.00
CA MET A 817 5.11 3.81 -3.10
C MET A 817 5.36 4.17 -1.65
N TYR A 818 4.67 5.21 -1.18
CA TYR A 818 4.95 5.83 0.11
C TYR A 818 3.78 5.72 1.08
N MET A 819 4.07 5.58 2.38
CA MET A 819 3.00 5.30 3.37
C MET A 819 2.12 6.54 3.69
N ARG A 820 2.74 7.70 3.72
CA ARG A 820 2.09 8.92 4.22
C ARG A 820 0.74 9.27 3.57
N PRO A 821 0.59 9.11 2.24
CA PRO A 821 -0.72 9.47 1.64
C PRO A 821 -1.91 8.57 1.99
N LEU A 822 -1.68 7.48 2.73
CA LEU A 822 -2.80 6.76 3.39
C LEU A 822 -3.58 7.67 4.34
N SER A 823 -3.01 8.83 4.69
CA SER A 823 -3.70 9.86 5.43
C SER A 823 -5.03 10.34 4.83
N ILE A 824 -5.28 10.08 3.57
CA ILE A 824 -6.59 10.41 2.98
C ILE A 824 -7.73 9.82 3.83
N TRP A 825 -7.50 8.68 4.49
CA TRP A 825 -8.55 8.09 5.35
C TRP A 825 -8.90 8.94 6.57
N SER A 826 -8.04 9.89 6.92
CA SER A 826 -8.38 10.91 7.96
C SER A 826 -9.52 11.84 7.49
N MET A 827 -9.78 11.89 6.19
CA MET A 827 -10.91 12.64 5.67
C MET A 827 -12.25 11.94 5.91
N GLU A 828 -12.25 10.70 6.34
CA GLU A 828 -13.49 10.04 6.63
C GLU A 828 -13.83 10.42 8.08
N VAL A 829 -14.24 11.70 8.19
CA VAL A 829 -14.50 12.44 9.44
C VAL A 829 -15.70 11.81 10.19
N ASN A 830 -16.82 11.72 9.49
CA ASN A 830 -18.04 11.11 10.04
C ASN A 830 -17.80 9.69 10.60
N TYR A 831 -17.14 8.85 9.80
CA TYR A 831 -16.68 7.49 10.18
C TYR A 831 -15.88 7.56 11.50
#